data_3AL5
#
_entry.id   3AL5
#
_cell.length_a   164.942
_cell.length_b   164.942
_cell.length_c   105.149
_cell.angle_alpha   90.000
_cell.angle_beta   90.000
_cell.angle_gamma   90.000
#
_symmetry.space_group_name_H-M   'P 41 21 2'
#
loop_
_entity.id
_entity.type
_entity.pdbx_description
1 polymer 'JmjC domain-containing protein C2orf60'
2 non-polymer 'MAGNESIUM ION'
#
_entity_poly.entity_id   1
_entity_poly.type   'polypeptide(L)'
_entity_poly.pdbx_seq_one_letter_code
;MGSSHHHHHHSSGLEVLFQGPLHMAGQHLPVPRLEGVSREQFMQHLYPQRKPLVLEGIDLGPCTSKWTVDYLSQVGGKKE
VKIHVAAVAQMDFISKNFVYRTLPFDQLVQRAAEEKHKEFFVSEDEKYYLRSLGEDPRKDVADIRKQFPLLKGDIKFPEF
FKEEQFFSSVFRISSPGLQLWTHYDVMDNLLIQVTGKKRVVLFSPRDAQYLYLKGTKSEVLNIDNPDLAKYPLFSKARRY
ECSLEAGDVLFIPALWFHNVISEEFGVGVNIFWKHLPSECYDKTDTYGNKDPTAASRAAQILDRALKTLAELPEEYRDFY
ARRMVLHIQDKAYSKNSE
;
_entity_poly.pdbx_strand_id   A,B,C,D
#
loop_
_chem_comp.id
_chem_comp.type
_chem_comp.name
_chem_comp.formula
MG non-polymer 'MAGNESIUM ION' 'Mg 2'
#
# COMPACT_ATOMS: atom_id res chain seq x y z
N GLN A 27 3.52 -51.96 0.22
CA GLN A 27 2.73 -52.15 -1.00
C GLN A 27 2.82 -53.60 -1.48
N HIS A 28 3.25 -54.48 -0.57
CA HIS A 28 3.26 -55.94 -0.79
C HIS A 28 3.11 -56.67 0.54
N LEU A 29 1.88 -56.99 0.91
CA LEU A 29 1.61 -57.58 2.21
C LEU A 29 1.31 -59.05 2.10
N PRO A 30 1.43 -59.76 3.23
CA PRO A 30 1.00 -61.15 3.33
C PRO A 30 -0.43 -61.20 3.85
N VAL A 31 -1.16 -62.26 3.52
CA VAL A 31 -2.50 -62.40 4.06
C VAL A 31 -2.38 -63.22 5.34
N PRO A 32 -2.99 -62.74 6.44
CA PRO A 32 -2.75 -63.47 7.69
C PRO A 32 -3.15 -64.93 7.54
N ARG A 33 -2.34 -65.81 8.08
CA ARG A 33 -2.71 -67.21 8.22
C ARG A 33 -3.08 -67.43 9.69
N LEU A 34 -4.07 -68.27 9.93
CA LEU A 34 -4.55 -68.51 11.28
C LEU A 34 -4.85 -69.97 11.40
N GLU A 35 -4.38 -70.56 12.50
CA GLU A 35 -4.76 -71.93 12.82
C GLU A 35 -5.77 -71.92 13.97
N GLY A 36 -6.56 -72.98 14.04
CA GLY A 36 -7.51 -73.19 15.13
C GLY A 36 -8.47 -72.05 15.31
N VAL A 37 -9.16 -71.66 14.24
CA VAL A 37 -10.23 -70.69 14.34
C VAL A 37 -11.58 -71.40 14.38
N SER A 38 -12.35 -71.13 15.44
CA SER A 38 -13.67 -71.68 15.60
C SER A 38 -14.71 -71.11 14.62
N ARG A 39 -15.72 -71.94 14.36
CA ARG A 39 -16.90 -71.57 13.60
C ARG A 39 -17.42 -70.25 14.14
N GLU A 40 -17.50 -70.15 15.46
CA GLU A 40 -17.97 -68.93 16.08
C GLU A 40 -16.97 -67.79 15.91
N GLN A 41 -15.78 -67.93 16.47
CA GLN A 41 -14.77 -66.88 16.42
C GLN A 41 -14.70 -66.19 15.06
N PHE A 42 -14.74 -66.98 13.99
CA PHE A 42 -14.74 -66.42 12.65
C PHE A 42 -15.96 -65.55 12.40
N MET A 43 -17.14 -66.16 12.48
CA MET A 43 -18.42 -65.46 12.31
C MET A 43 -18.47 -64.15 13.09
N GLN A 44 -18.37 -64.26 14.42
CA GLN A 44 -18.41 -63.08 15.28
C GLN A 44 -17.28 -62.06 15.05
N HIS A 45 -16.01 -62.48 15.12
CA HIS A 45 -14.93 -61.51 15.23
C HIS A 45 -14.05 -61.32 13.98
N LEU A 46 -13.97 -62.34 13.14
CA LEU A 46 -13.14 -62.24 11.93
C LEU A 46 -13.96 -61.73 10.75
N TYR A 47 -14.96 -62.51 10.35
CA TYR A 47 -15.79 -62.17 9.22
C TYR A 47 -16.05 -60.67 9.11
N PRO A 48 -16.59 -60.05 10.16
CA PRO A 48 -16.98 -58.64 10.07
C PRO A 48 -15.81 -57.66 9.91
N GLN A 49 -14.60 -58.20 9.84
CA GLN A 49 -13.42 -57.39 9.60
C GLN A 49 -13.37 -57.06 8.10
N ARG A 50 -14.11 -57.83 7.32
CA ARG A 50 -14.15 -57.63 5.88
C ARG A 50 -12.77 -57.66 5.23
N LYS A 51 -11.83 -58.42 5.79
CA LYS A 51 -10.51 -58.57 5.20
C LYS A 51 -10.18 -60.04 4.93
N PRO A 52 -9.40 -60.34 3.87
CA PRO A 52 -9.05 -61.70 3.46
C PRO A 52 -8.11 -62.42 4.45
N LEU A 53 -8.39 -63.69 4.68
CA LEU A 53 -7.68 -64.50 5.66
C LEU A 53 -7.54 -65.88 5.08
N VAL A 54 -6.43 -66.54 5.34
CA VAL A 54 -6.33 -67.95 4.97
C VAL A 54 -6.41 -68.79 6.23
N LEU A 55 -7.29 -69.78 6.21
CA LEU A 55 -7.56 -70.61 7.39
C LEU A 55 -6.94 -71.99 7.27
N GLU A 56 -5.93 -72.23 8.11
CA GLU A 56 -5.22 -73.50 8.14
C GLU A 56 -5.93 -74.55 8.99
N GLY A 57 -5.90 -75.80 8.53
CA GLY A 57 -6.32 -76.92 9.34
C GLY A 57 -7.79 -76.98 9.68
N ILE A 58 -8.63 -76.66 8.71
CA ILE A 58 -10.05 -76.93 8.83
C ILE A 58 -10.29 -78.40 8.48
N ASP A 59 -11.38 -78.96 8.99
CA ASP A 59 -11.76 -80.31 8.58
C ASP A 59 -12.57 -80.26 7.31
N LEU A 60 -11.95 -80.68 6.21
CA LEU A 60 -12.58 -80.65 4.92
C LEU A 60 -13.16 -82.02 4.58
N GLY A 61 -12.82 -83.00 5.41
CA GLY A 61 -13.19 -84.37 5.15
C GLY A 61 -12.09 -85.14 4.43
N PRO A 62 -12.40 -86.39 4.04
CA PRO A 62 -11.45 -87.25 3.35
C PRO A 62 -11.01 -86.64 2.02
N CYS A 63 -11.84 -85.81 1.41
CA CYS A 63 -11.53 -85.30 0.09
C CYS A 63 -10.05 -84.93 -0.04
N THR A 64 -9.57 -84.04 0.84
CA THR A 64 -8.19 -83.57 0.75
C THR A 64 -7.23 -84.74 0.72
N SER A 65 -7.70 -85.85 1.25
CA SER A 65 -6.93 -87.06 1.32
C SER A 65 -6.97 -87.77 -0.03
N LYS A 66 -8.17 -88.14 -0.47
CA LYS A 66 -8.31 -89.08 -1.58
C LYS A 66 -8.46 -88.54 -3.01
N TRP A 67 -8.68 -87.25 -3.19
CA TRP A 67 -8.89 -86.70 -4.53
C TRP A 67 -7.63 -86.70 -5.39
N THR A 68 -7.17 -87.90 -5.74
CA THR A 68 -6.01 -88.11 -6.62
C THR A 68 -6.48 -88.05 -8.06
N VAL A 69 -5.56 -87.70 -8.96
CA VAL A 69 -5.88 -87.64 -10.37
C VAL A 69 -6.61 -88.91 -10.79
N ASP A 70 -6.17 -90.03 -10.23
CA ASP A 70 -6.69 -91.35 -10.57
C ASP A 70 -8.02 -91.61 -9.87
N TYR A 71 -8.08 -91.28 -8.59
CA TYR A 71 -9.33 -91.33 -7.85
C TYR A 71 -10.37 -90.42 -8.51
N LEU A 72 -10.05 -89.15 -8.58
CA LEU A 72 -10.91 -88.19 -9.26
C LEU A 72 -11.49 -88.77 -10.54
N SER A 73 -10.60 -89.11 -11.48
CA SER A 73 -11.00 -89.61 -12.79
C SER A 73 -12.07 -90.69 -12.70
N GLN A 74 -11.81 -91.73 -11.91
CA GLN A 74 -12.81 -92.76 -11.67
C GLN A 74 -14.15 -92.15 -11.23
N VAL A 75 -14.21 -91.75 -9.96
CA VAL A 75 -15.46 -91.29 -9.35
C VAL A 75 -16.23 -90.32 -10.22
N GLY A 76 -15.57 -89.22 -10.58
CA GLY A 76 -16.20 -88.19 -11.39
C GLY A 76 -17.13 -88.75 -12.44
N GLY A 77 -16.58 -89.56 -13.34
CA GLY A 77 -17.36 -90.12 -14.44
C GLY A 77 -17.03 -89.47 -15.76
N LYS A 78 -17.82 -89.77 -16.78
CA LYS A 78 -17.54 -89.26 -18.12
C LYS A 78 -18.39 -88.05 -18.48
N LYS A 79 -19.02 -87.44 -17.48
CA LYS A 79 -19.90 -86.29 -17.72
C LYS A 79 -19.19 -85.20 -18.51
N GLU A 80 -19.83 -84.73 -19.58
CA GLU A 80 -19.24 -83.66 -20.38
C GLU A 80 -19.19 -82.35 -19.59
N VAL A 81 -18.06 -81.66 -19.65
CA VAL A 81 -17.85 -80.42 -18.89
C VAL A 81 -17.35 -79.25 -19.75
N LYS A 82 -17.59 -78.02 -19.29
CA LYS A 82 -17.18 -76.83 -20.03
C LYS A 82 -15.72 -76.45 -19.80
N ILE A 83 -14.85 -76.94 -20.69
CA ILE A 83 -13.41 -76.71 -20.58
C ILE A 83 -12.96 -75.46 -21.33
N HIS A 84 -12.39 -74.50 -20.61
CA HIS A 84 -11.61 -73.44 -21.24
C HIS A 84 -10.23 -74.03 -21.62
N VAL A 85 -9.59 -73.48 -22.65
CA VAL A 85 -8.24 -73.93 -23.06
C VAL A 85 -7.25 -72.77 -23.30
N GLN A 90 -0.52 -67.96 -19.27
CA GLN A 90 -1.14 -66.65 -19.15
C GLN A 90 -2.22 -66.43 -20.23
N MET A 91 -3.44 -66.15 -19.80
CA MET A 91 -4.60 -66.03 -20.69
C MET A 91 -4.97 -64.57 -20.95
N ASP A 92 -5.77 -64.34 -21.99
CA ASP A 92 -6.16 -62.99 -22.39
C ASP A 92 -7.69 -62.79 -22.51
N PHE A 93 -8.22 -61.76 -21.84
CA PHE A 93 -9.65 -61.44 -21.86
C PHE A 93 -9.94 -60.31 -22.84
N SER A 95 -9.10 -59.17 -26.12
CA SER A 95 -8.14 -60.14 -26.63
C SER A 95 -8.46 -61.53 -26.13
N LYS A 96 -8.96 -62.37 -27.01
CA LYS A 96 -9.34 -63.74 -26.66
C LYS A 96 -8.31 -64.78 -27.12
N ASN A 97 -7.29 -65.03 -26.30
CA ASN A 97 -6.25 -66.03 -26.60
C ASN A 97 -6.58 -67.39 -25.96
N PHE A 98 -7.84 -67.58 -25.61
CA PHE A 98 -8.34 -68.84 -25.03
C PHE A 98 -9.39 -69.40 -25.98
N VAL A 99 -9.95 -70.54 -25.63
CA VAL A 99 -11.07 -71.08 -26.39
C VAL A 99 -11.90 -72.05 -25.56
N TYR A 100 -13.21 -71.85 -25.57
CA TYR A 100 -14.12 -72.75 -24.90
C TYR A 100 -14.11 -74.09 -25.62
N ARG A 101 -14.21 -75.16 -24.84
CA ARG A 101 -14.23 -76.52 -25.37
C ARG A 101 -15.09 -77.36 -24.44
N THR A 102 -15.12 -78.66 -24.68
CA THR A 102 -15.84 -79.58 -23.81
C THR A 102 -15.22 -80.95 -23.89
N LEU A 103 -15.06 -81.60 -22.75
CA LEU A 103 -14.48 -82.94 -22.73
C LEU A 103 -15.18 -83.78 -21.69
N PRO A 104 -14.86 -85.08 -21.65
CA PRO A 104 -15.31 -85.98 -20.58
C PRO A 104 -14.46 -85.77 -19.33
N PHE A 105 -15.11 -85.54 -18.19
CA PHE A 105 -14.41 -85.17 -16.95
C PHE A 105 -13.08 -85.88 -16.73
N ASP A 106 -13.12 -87.21 -16.67
CA ASP A 106 -11.95 -88.01 -16.39
C ASP A 106 -10.77 -87.69 -17.30
N GLN A 107 -11.06 -87.51 -18.59
CA GLN A 107 -10.05 -87.12 -19.56
C GLN A 107 -9.54 -85.72 -19.25
N LEU A 108 -10.45 -84.83 -18.86
CA LEU A 108 -10.09 -83.47 -18.50
C LEU A 108 -9.07 -83.45 -17.38
N VAL A 109 -9.42 -84.03 -16.24
CA VAL A 109 -8.49 -84.09 -15.14
C VAL A 109 -7.16 -84.69 -15.61
N GLN A 110 -7.24 -85.85 -16.27
CA GLN A 110 -6.05 -86.56 -16.76
C GLN A 110 -5.12 -85.70 -17.63
N ARG A 111 -5.71 -84.91 -18.53
CA ARG A 111 -4.92 -83.96 -19.31
C ARG A 111 -4.42 -82.83 -18.41
N ALA A 112 -5.32 -82.30 -17.59
CA ALA A 112 -5.02 -81.22 -16.66
C ALA A 112 -3.74 -81.45 -15.87
N ALA A 113 -3.46 -82.72 -15.60
CA ALA A 113 -2.26 -83.11 -14.88
C ALA A 113 -1.05 -83.19 -15.80
N GLU A 114 -1.31 -83.36 -17.10
CA GLU A 114 -0.24 -83.44 -18.09
C GLU A 114 0.60 -82.17 -18.11
N LYS A 116 2.46 -81.15 -20.96
CA LYS A 116 2.33 -81.60 -22.35
C LYS A 116 1.44 -82.83 -22.47
N HIS A 117 0.25 -82.64 -23.02
CA HIS A 117 -0.69 -83.73 -23.23
C HIS A 117 -0.80 -84.12 -24.72
N LYS A 118 -0.61 -85.41 -25.00
CA LYS A 118 -0.69 -85.92 -26.37
C LYS A 118 -1.92 -85.42 -27.11
N GLU A 119 -3.10 -85.84 -26.67
CA GLU A 119 -4.35 -85.39 -27.26
C GLU A 119 -4.59 -83.92 -26.91
N PHE A 120 -4.84 -83.11 -27.93
CA PHE A 120 -5.11 -81.69 -27.73
C PHE A 120 -6.05 -81.16 -28.81
N PHE A 121 -6.74 -80.07 -28.51
CA PHE A 121 -7.61 -79.42 -29.48
C PHE A 121 -6.88 -78.26 -30.16
N VAL A 122 -5.86 -77.71 -29.51
CA VAL A 122 -5.13 -76.55 -30.03
C VAL A 122 -3.61 -76.73 -30.16
N SER A 123 -2.97 -77.18 -29.07
CA SER A 123 -1.52 -77.33 -29.03
C SER A 123 -1.11 -78.53 -28.21
N GLU A 124 0.12 -78.99 -28.41
CA GLU A 124 0.69 -80.06 -27.60
C GLU A 124 0.77 -79.64 -26.14
N ASP A 125 1.25 -78.43 -25.91
CA ASP A 125 1.28 -77.85 -24.58
C ASP A 125 -0.03 -77.09 -24.30
N GLU A 126 -1.15 -77.66 -24.74
CA GLU A 126 -2.45 -77.06 -24.50
C GLU A 126 -2.63 -76.91 -23.00
N LYS A 127 -3.03 -75.73 -22.57
CA LYS A 127 -3.33 -75.54 -21.16
C LYS A 127 -4.81 -75.86 -20.94
N TYR A 128 -5.13 -76.55 -19.85
CA TYR A 128 -6.51 -76.99 -19.61
C TYR A 128 -7.16 -76.39 -18.34
N TYR A 129 -8.37 -75.86 -18.48
CA TYR A 129 -9.08 -75.25 -17.36
C TYR A 129 -10.47 -75.86 -17.15
N LEU A 130 -10.99 -75.76 -15.93
CA LEU A 130 -12.36 -76.17 -15.62
C LEU A 130 -13.05 -75.30 -14.55
N ARG A 131 -14.18 -74.72 -14.92
CA ARG A 131 -14.99 -73.93 -14.00
C ARG A 131 -16.41 -74.45 -14.11
N SER A 132 -16.89 -75.07 -13.04
CA SER A 132 -18.19 -75.72 -13.01
C SER A 132 -19.37 -74.78 -13.20
N LEU A 133 -20.37 -75.29 -13.91
CA LEU A 133 -21.56 -74.53 -14.25
C LEU A 133 -22.78 -75.46 -14.31
N GLY A 134 -23.88 -75.01 -13.69
CA GLY A 134 -25.10 -75.78 -13.62
C GLY A 134 -25.70 -76.18 -14.96
N GLU A 135 -26.66 -77.11 -14.92
CA GLU A 135 -27.32 -77.64 -16.12
C GLU A 135 -27.54 -76.58 -17.19
N ASP A 136 -28.54 -75.73 -16.97
CA ASP A 136 -28.78 -74.57 -17.83
C ASP A 136 -27.94 -73.39 -17.33
N PRO A 137 -26.96 -72.97 -18.13
CA PRO A 137 -25.97 -71.99 -17.68
C PRO A 137 -26.58 -70.61 -17.47
N ARG A 138 -27.62 -70.30 -18.24
CA ARG A 138 -28.30 -69.01 -18.13
C ARG A 138 -29.33 -69.03 -17.00
N LYS A 139 -29.81 -70.23 -16.67
CA LYS A 139 -30.87 -70.38 -15.66
C LYS A 139 -30.32 -70.66 -14.25
N ASP A 140 -29.52 -71.72 -14.11
CA ASP A 140 -29.08 -72.18 -12.79
C ASP A 140 -27.59 -71.95 -12.48
N VAL A 141 -27.28 -71.90 -11.18
CA VAL A 141 -25.91 -71.74 -10.71
C VAL A 141 -25.17 -73.07 -10.67
N ALA A 142 -23.86 -73.02 -10.58
CA ALA A 142 -23.08 -74.22 -10.32
C ALA A 142 -23.26 -74.60 -8.85
N ASP A 143 -23.21 -75.89 -8.57
CA ASP A 143 -23.49 -76.40 -7.23
C ASP A 143 -22.93 -77.81 -7.12
N ILE A 144 -21.87 -77.97 -6.32
CA ILE A 144 -21.18 -79.24 -6.22
C ILE A 144 -22.12 -80.38 -5.80
N ARG A 145 -23.14 -80.02 -5.02
CA ARG A 145 -24.12 -81.00 -4.53
C ARG A 145 -24.91 -81.63 -5.67
N LYS A 146 -25.36 -80.79 -6.58
CA LYS A 146 -26.16 -81.20 -7.71
C LYS A 146 -25.35 -81.93 -8.78
N GLN A 147 -24.10 -81.52 -8.97
CA GLN A 147 -23.33 -81.92 -10.15
C GLN A 147 -22.16 -82.89 -9.91
N PHE A 148 -21.80 -83.13 -8.65
CA PHE A 148 -20.76 -84.11 -8.35
C PHE A 148 -21.07 -84.87 -7.07
N PRO A 149 -22.28 -85.44 -7.00
CA PRO A 149 -22.83 -86.08 -5.80
C PRO A 149 -21.84 -87.00 -5.10
N LEU A 150 -21.32 -87.98 -5.82
CA LEU A 150 -20.31 -88.87 -5.25
C LEU A 150 -19.19 -88.07 -4.61
N LEU A 151 -18.49 -87.25 -5.42
CA LEU A 151 -17.41 -86.41 -4.94
C LEU A 151 -17.84 -85.45 -3.81
N LYS A 152 -19.07 -84.95 -3.88
CA LYS A 152 -19.62 -84.08 -2.84
C LYS A 152 -19.47 -84.73 -1.46
N GLY A 153 -19.90 -85.99 -1.37
CA GLY A 153 -19.82 -86.75 -0.14
C GLY A 153 -18.46 -86.76 0.53
N ASP A 154 -17.41 -86.40 -0.20
CA ASP A 154 -16.04 -86.41 0.35
C ASP A 154 -15.64 -85.15 1.12
N ILE A 155 -16.36 -84.05 0.89
CA ILE A 155 -15.95 -82.75 1.42
C ILE A 155 -17.03 -82.04 2.24
N LYS A 156 -16.65 -81.51 3.39
CA LYS A 156 -17.58 -80.77 4.23
C LYS A 156 -17.25 -79.30 4.16
N PHE A 157 -18.04 -78.57 3.39
CA PHE A 157 -17.90 -77.14 3.35
C PHE A 157 -17.89 -76.66 4.80
N PRO A 158 -17.10 -75.62 5.08
CA PRO A 158 -17.02 -75.08 6.44
C PRO A 158 -18.32 -74.36 6.79
N GLU A 159 -18.86 -74.58 7.99
CA GLU A 159 -20.10 -73.89 8.38
C GLU A 159 -19.86 -72.46 8.83
N PHE A 160 -19.52 -71.58 7.88
CA PHE A 160 -19.29 -70.15 8.15
C PHE A 160 -20.40 -69.25 7.64
N PHE A 161 -21.51 -69.84 7.24
CA PHE A 161 -22.63 -69.03 6.76
C PHE A 161 -23.89 -69.89 6.70
N LYS A 162 -25.05 -69.25 6.87
CA LYS A 162 -26.35 -69.91 6.86
C LYS A 162 -26.69 -70.48 5.48
N GLU A 163 -27.39 -71.61 5.46
CA GLU A 163 -27.83 -72.24 4.21
C GLU A 163 -28.61 -71.28 3.31
N GLU A 164 -29.40 -70.41 3.91
CA GLU A 164 -30.21 -69.45 3.17
C GLU A 164 -29.36 -68.49 2.35
N GLN A 165 -28.13 -68.23 2.79
CA GLN A 165 -27.24 -67.31 2.08
C GLN A 165 -26.32 -68.04 1.09
N PHE A 166 -26.39 -69.37 1.06
CA PHE A 166 -25.64 -70.07 0.04
C PHE A 166 -26.02 -69.50 -1.31
N PHE A 167 -25.05 -69.44 -2.21
CA PHE A 167 -25.32 -68.95 -3.55
C PHE A 167 -24.81 -69.90 -4.63
N SER A 168 -23.66 -70.54 -4.37
CA SER A 168 -23.11 -71.45 -5.36
C SER A 168 -21.89 -72.20 -4.85
N SER A 169 -21.66 -73.39 -5.39
CA SER A 169 -20.42 -74.08 -5.12
C SER A 169 -19.80 -74.48 -6.46
N VAL A 170 -18.49 -74.25 -6.59
CA VAL A 170 -17.82 -74.39 -7.87
C VAL A 170 -16.59 -75.29 -7.79
N PHE A 171 -16.46 -76.16 -8.80
CA PHE A 171 -15.27 -76.99 -8.96
C PHE A 171 -14.23 -76.31 -9.82
N ARG A 172 -13.02 -76.14 -9.29
CA ARG A 172 -12.00 -75.45 -10.06
C ARG A 172 -10.78 -76.30 -10.31
N ILE A 173 -10.73 -76.91 -11.48
CA ILE A 173 -9.51 -77.55 -11.93
C ILE A 173 -8.82 -76.65 -12.95
N SER A 174 -7.52 -76.46 -12.77
CA SER A 174 -6.73 -75.70 -13.72
C SER A 174 -5.40 -76.42 -13.86
N SER A 175 -4.71 -76.17 -14.95
CA SER A 175 -3.41 -76.76 -15.17
C SER A 175 -2.37 -75.84 -14.56
N PRO A 176 -1.21 -76.42 -14.17
CA PRO A 176 -0.08 -75.69 -13.58
C PRO A 176 0.36 -74.51 -14.47
N GLY A 177 0.76 -73.41 -13.84
CA GLY A 177 1.21 -72.24 -14.56
C GLY A 177 0.12 -71.54 -15.36
N LEU A 178 -1.14 -71.89 -15.13
CA LEU A 178 -2.24 -71.17 -15.77
C LEU A 178 -2.49 -69.85 -15.04
N GLN A 179 -2.49 -68.74 -15.77
CA GLN A 179 -2.72 -67.41 -15.19
C GLN A 179 -4.11 -66.84 -15.51
N LEU A 180 -5.07 -67.08 -14.63
CA LEU A 180 -6.41 -66.51 -14.76
C LEU A 180 -6.39 -65.04 -14.36
N TRP A 181 -6.76 -64.16 -15.28
CA TRP A 181 -6.81 -62.71 -15.05
C TRP A 181 -7.43 -62.32 -13.70
N THR A 182 -7.19 -61.06 -13.31
CA THR A 182 -7.72 -60.50 -12.06
C THR A 182 -9.19 -60.08 -12.12
N HIS A 183 -10.00 -60.57 -11.19
CA HIS A 183 -11.40 -60.14 -11.12
C HIS A 183 -11.91 -60.01 -9.69
N TYR A 184 -13.09 -59.43 -9.54
CA TYR A 184 -13.77 -59.42 -8.26
C TYR A 184 -15.10 -60.14 -8.40
N ASP A 185 -15.67 -60.55 -7.28
CA ASP A 185 -16.98 -61.17 -7.29
C ASP A 185 -17.83 -60.39 -6.30
N VAL A 186 -19.15 -60.49 -6.40
CA VAL A 186 -20.00 -59.70 -5.53
C VAL A 186 -20.44 -60.47 -4.26
N MET A 187 -20.30 -61.79 -4.30
CA MET A 187 -20.57 -62.62 -3.13
C MET A 187 -19.30 -62.84 -2.30
N ASP A 188 -19.45 -62.98 -0.99
CA ASP A 188 -18.31 -63.41 -0.18
C ASP A 188 -17.93 -64.79 -0.65
N ASN A 189 -16.64 -65.11 -0.55
CA ASN A 189 -16.13 -66.35 -1.11
C ASN A 189 -15.27 -67.18 -0.15
N LEU A 190 -15.51 -68.49 -0.09
CA LEU A 190 -14.57 -69.39 0.55
C LEU A 190 -13.86 -70.25 -0.50
N LEU A 191 -12.67 -69.84 -0.89
CA LEU A 191 -11.83 -70.68 -1.75
C LEU A 191 -11.14 -71.78 -0.93
N ILE A 192 -11.46 -73.02 -1.24
CA ILE A 192 -10.87 -74.16 -0.57
C ILE A 192 -9.91 -74.89 -1.48
N GLN A 193 -8.62 -74.84 -1.17
CA GLN A 193 -7.65 -75.63 -1.91
C GLN A 193 -7.64 -77.06 -1.40
N VAL A 194 -8.11 -78.00 -2.21
CA VAL A 194 -8.17 -79.39 -1.78
C VAL A 194 -6.91 -80.18 -2.13
N THR A 195 -6.33 -79.86 -3.28
CA THR A 195 -5.22 -80.64 -3.80
C THR A 195 -4.25 -79.72 -4.53
N GLY A 196 -2.97 -79.78 -4.17
CA GLY A 196 -1.92 -79.06 -4.88
C GLY A 196 -1.82 -77.59 -4.52
N LYS A 197 -0.62 -77.01 -4.68
CA LYS A 197 -0.39 -75.61 -4.34
C LYS A 197 -1.07 -74.64 -5.30
N LYS A 198 -1.32 -73.42 -4.81
CA LYS A 198 -1.89 -72.36 -5.64
C LYS A 198 -1.59 -70.99 -5.05
N ARG A 199 -0.98 -70.11 -5.84
CA ARG A 199 -0.76 -68.75 -5.36
C ARG A 199 -1.96 -67.88 -5.68
N VAL A 200 -2.06 -66.75 -4.99
CA VAL A 200 -3.15 -65.83 -5.19
C VAL A 200 -2.79 -64.50 -4.57
N VAL A 201 -3.00 -63.42 -5.33
CA VAL A 201 -2.72 -62.09 -4.86
C VAL A 201 -4.02 -61.31 -4.91
N LEU A 202 -4.14 -60.31 -4.05
CA LEU A 202 -5.41 -59.60 -3.90
C LEU A 202 -5.22 -58.10 -3.85
N PHE A 203 -6.30 -57.35 -4.00
CA PHE A 203 -6.24 -55.91 -3.87
C PHE A 203 -7.46 -55.36 -3.19
N SER A 204 -7.26 -54.34 -2.37
CA SER A 204 -8.36 -53.64 -1.73
C SER A 204 -9.42 -53.28 -2.77
N PRO A 205 -10.70 -53.48 -2.43
CA PRO A 205 -11.71 -53.01 -3.37
C PRO A 205 -11.36 -51.60 -3.83
N ARG A 206 -10.96 -50.76 -2.88
CA ARG A 206 -10.76 -49.35 -3.16
C ARG A 206 -9.71 -49.14 -4.24
N ASP A 207 -8.75 -50.06 -4.32
CA ASP A 207 -7.72 -50.02 -5.37
C ASP A 207 -8.32 -50.28 -6.74
N ALA A 208 -9.60 -49.93 -6.86
CA ALA A 208 -10.33 -50.04 -8.12
C ALA A 208 -9.72 -49.11 -9.16
N GLN A 209 -9.36 -47.89 -8.74
CA GLN A 209 -8.76 -46.91 -9.64
C GLN A 209 -7.51 -47.40 -10.36
N TYR A 210 -6.65 -48.08 -9.62
CA TYR A 210 -5.34 -48.47 -10.13
C TYR A 210 -5.40 -49.70 -11.01
N LEU A 211 -6.56 -50.33 -11.07
CA LEU A 211 -6.65 -51.63 -11.68
C LEU A 211 -7.08 -51.58 -13.13
N TYR A 212 -7.51 -50.39 -13.58
CA TYR A 212 -8.04 -50.20 -14.94
C TYR A 212 -9.16 -51.21 -15.21
N LEU A 213 -10.26 -51.05 -14.48
CA LEU A 213 -11.34 -52.03 -14.52
C LEU A 213 -12.21 -51.97 -15.78
N LYS A 214 -12.21 -53.07 -16.53
CA LYS A 214 -13.15 -53.25 -17.64
C LYS A 214 -14.30 -54.14 -17.18
N GLY A 215 -15.31 -53.53 -16.56
CA GLY A 215 -16.35 -54.30 -15.90
C GLY A 215 -15.73 -54.88 -14.64
N THR A 216 -15.74 -56.20 -14.53
CA THR A 216 -15.27 -56.84 -13.31
C THR A 216 -13.91 -57.48 -13.49
N LYS A 217 -13.35 -57.39 -14.69
CA LYS A 217 -12.00 -57.87 -14.96
C LYS A 217 -11.03 -56.69 -15.08
N SER A 218 -9.77 -56.92 -14.71
CA SER A 218 -8.77 -55.87 -14.74
C SER A 218 -7.80 -56.10 -15.88
N GLU A 219 -7.41 -55.00 -16.53
CA GLU A 219 -6.64 -55.02 -17.77
C GLU A 219 -5.19 -55.59 -17.69
N VAL A 220 -4.62 -55.68 -16.50
CA VAL A 220 -3.18 -56.00 -16.35
C VAL A 220 -2.88 -57.49 -16.16
N LEU A 221 -2.74 -58.24 -17.25
CA LEU A 221 -2.64 -59.70 -17.19
C LEU A 221 -1.49 -60.26 -16.35
N ASN A 222 -0.26 -59.90 -16.70
CA ASN A 222 0.90 -60.38 -15.96
C ASN A 222 1.15 -59.52 -14.72
N ILE A 223 0.75 -60.03 -13.57
CA ILE A 223 0.69 -59.24 -12.34
C ILE A 223 2.08 -58.96 -11.75
N ASP A 224 3.05 -59.79 -12.10
CA ASP A 224 4.35 -59.76 -11.45
C ASP A 224 5.26 -58.68 -12.00
N ASN A 225 5.52 -58.72 -13.30
CA ASN A 225 6.30 -57.67 -13.97
C ASN A 225 5.45 -56.89 -14.98
N PRO A 226 4.59 -56.00 -14.47
CA PRO A 226 3.61 -55.25 -15.27
C PRO A 226 4.21 -54.19 -16.19
N ASP A 227 3.67 -54.08 -17.40
CA ASP A 227 4.06 -53.03 -18.32
C ASP A 227 3.56 -51.69 -17.79
N LEU A 228 4.33 -51.09 -16.88
CA LEU A 228 4.01 -49.78 -16.36
C LEU A 228 3.82 -48.81 -17.52
N ALA A 229 4.38 -49.18 -18.67
CA ALA A 229 4.20 -48.43 -19.90
C ALA A 229 2.73 -48.18 -20.11
N LYS A 230 2.01 -49.25 -20.48
CA LYS A 230 0.59 -49.18 -20.78
C LYS A 230 -0.25 -48.71 -19.60
N TYR A 231 0.17 -49.07 -18.38
CA TYR A 231 -0.63 -48.81 -17.18
C TYR A 231 0.19 -48.25 -16.02
N PRO A 232 0.37 -46.91 -15.99
CA PRO A 232 1.24 -46.30 -14.98
C PRO A 232 0.74 -46.46 -13.56
N LEU A 233 -0.53 -46.78 -13.40
CA LEU A 233 -1.14 -46.70 -12.08
C LEU A 233 -1.06 -47.99 -11.29
N PHE A 234 -0.97 -49.12 -11.99
CA PHE A 234 -0.86 -50.44 -11.36
C PHE A 234 0.19 -50.47 -10.24
N SER A 235 1.10 -49.51 -10.29
CA SER A 235 2.14 -49.39 -9.27
C SER A 235 1.52 -49.03 -7.92
N LYS A 236 0.69 -48.01 -7.92
CA LYS A 236 0.10 -47.51 -6.68
C LYS A 236 -0.85 -48.53 -6.00
N ALA A 237 -0.80 -49.79 -6.45
CA ALA A 237 -1.71 -50.82 -5.95
C ALA A 237 -1.03 -51.78 -4.95
N ARG A 238 -1.35 -51.62 -3.66
CA ARG A 238 -0.78 -52.52 -2.65
C ARG A 238 -1.33 -53.92 -2.86
N ARG A 239 -0.44 -54.87 -3.10
CA ARG A 239 -0.90 -56.21 -3.44
C ARG A 239 -0.64 -57.26 -2.37
N TYR A 240 -1.72 -57.75 -1.77
CA TYR A 240 -1.64 -58.79 -0.76
C TYR A 240 -1.37 -60.12 -1.41
N GLU A 241 -0.72 -61.01 -0.66
CA GLU A 241 -0.21 -62.24 -1.26
C GLU A 241 -0.14 -63.44 -0.32
N CYS A 242 -0.67 -64.57 -0.78
CA CYS A 242 -0.66 -65.81 -0.01
C CYS A 242 -0.48 -67.01 -0.92
N SER A 243 -0.25 -68.16 -0.30
CA SER A 243 -0.11 -69.40 -1.03
C SER A 243 -0.96 -70.47 -0.36
N LEU A 244 -1.82 -71.12 -1.14
CA LEU A 244 -2.63 -72.18 -0.56
C LEU A 244 -1.93 -73.53 -0.68
N GLU A 245 -1.80 -74.21 0.45
CA GLU A 245 -1.35 -75.60 0.48
C GLU A 245 -2.60 -76.45 0.54
N ALA A 246 -2.53 -77.68 0.05
CA ALA A 246 -3.68 -78.58 0.17
C ALA A 246 -4.25 -78.45 1.59
N GLY A 247 -5.56 -78.21 1.68
CA GLY A 247 -6.22 -78.11 2.98
C GLY A 247 -6.51 -76.69 3.46
N ASP A 248 -5.71 -75.74 2.98
CA ASP A 248 -5.94 -74.32 3.25
C ASP A 248 -7.26 -73.77 2.68
N VAL A 249 -7.78 -72.75 3.35
CA VAL A 249 -8.98 -72.09 2.92
C VAL A 249 -8.72 -70.60 2.94
N LEU A 250 -8.96 -69.96 1.81
CA LEU A 250 -8.84 -68.51 1.74
C LEU A 250 -10.22 -67.87 1.74
N PHE A 251 -10.47 -67.01 2.71
CA PHE A 251 -11.64 -66.21 2.67
C PHE A 251 -11.35 -64.98 1.81
N ILE A 252 -12.25 -64.69 0.87
CA ILE A 252 -12.22 -63.47 0.08
C ILE A 252 -13.54 -62.71 0.21
N PRO A 253 -13.53 -61.66 1.05
CA PRO A 253 -14.73 -60.84 1.30
C PRO A 253 -15.23 -60.24 -0.01
N ALA A 254 -16.53 -60.16 -0.23
CA ALA A 254 -17.05 -59.56 -1.45
C ALA A 254 -16.24 -58.35 -1.87
N LEU A 255 -15.91 -58.26 -3.16
CA LEU A 255 -15.37 -57.04 -3.75
C LEU A 255 -13.85 -56.97 -3.79
N TRP A 256 -13.21 -58.03 -3.31
CA TRP A 256 -11.75 -58.05 -3.30
C TRP A 256 -11.27 -58.62 -4.62
N PHE A 257 -10.26 -57.98 -5.20
CA PHE A 257 -9.71 -58.44 -6.46
C PHE A 257 -8.73 -59.53 -6.13
N HIS A 258 -8.71 -60.58 -6.95
CA HIS A 258 -7.79 -61.68 -6.72
C HIS A 258 -7.33 -62.29 -8.02
N ASN A 259 -6.09 -62.78 -8.01
CA ASN A 259 -5.49 -63.40 -9.18
C ASN A 259 -4.89 -64.72 -8.76
N VAL A 260 -5.36 -65.79 -9.39
CA VAL A 260 -4.99 -67.16 -8.97
C VAL A 260 -4.08 -67.87 -9.98
N ILE A 261 -3.00 -68.44 -9.47
CA ILE A 261 -2.00 -69.07 -10.31
C ILE A 261 -1.59 -70.43 -9.73
N SER A 262 -2.11 -71.48 -10.34
CA SER A 262 -1.83 -72.85 -9.92
C SER A 262 -0.35 -73.14 -10.11
N GLU A 263 0.38 -73.35 -9.01
CA GLU A 263 1.80 -73.71 -9.11
C GLU A 263 1.92 -75.16 -9.52
N GLU A 264 1.37 -76.05 -8.71
CA GLU A 264 1.25 -77.45 -9.08
C GLU A 264 -0.14 -77.67 -9.66
N PHE A 265 -0.39 -78.86 -10.20
CA PHE A 265 -1.75 -79.22 -10.57
C PHE A 265 -2.52 -79.38 -9.28
N GLY A 266 -3.84 -79.25 -9.36
CA GLY A 266 -4.68 -79.45 -8.20
C GLY A 266 -6.13 -79.10 -8.43
N VAL A 267 -6.98 -79.60 -7.56
CA VAL A 267 -8.38 -79.24 -7.61
C VAL A 267 -8.75 -78.41 -6.40
N GLY A 268 -9.48 -77.34 -6.65
CA GLY A 268 -10.01 -76.51 -5.60
C GLY A 268 -11.52 -76.47 -5.73
N VAL A 269 -12.17 -76.10 -4.65
CA VAL A 269 -13.58 -75.78 -4.73
C VAL A 269 -13.76 -74.43 -4.05
N ASN A 270 -14.61 -73.57 -4.60
CA ASN A 270 -15.01 -72.38 -3.86
C ASN A 270 -16.54 -72.29 -3.66
N ILE A 271 -16.94 -71.60 -2.60
CA ILE A 271 -18.35 -71.43 -2.32
C ILE A 271 -18.65 -69.95 -2.19
N PHE A 272 -19.59 -69.47 -3.00
CA PHE A 272 -20.07 -68.10 -2.86
C PHE A 272 -21.28 -68.09 -1.95
N TRP A 273 -21.43 -66.99 -1.20
CA TRP A 273 -22.61 -66.85 -0.37
C TRP A 273 -23.00 -65.36 -0.20
N LYS A 274 -24.31 -65.12 -0.10
CA LYS A 274 -24.87 -63.77 0.01
C LYS A 274 -24.55 -63.10 1.34
N HIS A 275 -23.90 -61.94 1.28
CA HIS A 275 -23.56 -61.16 2.46
C HIS A 275 -24.69 -60.20 2.80
N LEU A 276 -25.52 -59.93 1.82
CA LEU A 276 -26.64 -59.00 1.93
C LEU A 276 -27.97 -59.71 1.75
N PRO A 277 -29.06 -59.10 2.26
CA PRO A 277 -30.40 -59.70 2.19
C PRO A 277 -30.71 -60.05 0.74
N SER A 278 -30.99 -61.33 0.49
CA SER A 278 -31.09 -61.91 -0.86
C SER A 278 -31.71 -61.03 -1.95
N GLU A 279 -32.69 -60.21 -1.56
CA GLU A 279 -33.34 -59.27 -2.46
C GLU A 279 -32.37 -58.27 -3.12
N CYS A 280 -31.32 -57.91 -2.39
CA CYS A 280 -30.38 -56.88 -2.81
C CYS A 280 -29.67 -57.20 -4.13
N TYR A 281 -29.66 -58.47 -4.52
CA TYR A 281 -28.86 -58.93 -5.68
C TYR A 281 -29.61 -58.96 -7.04
N ASP A 282 -28.88 -59.31 -8.09
CA ASP A 282 -29.45 -59.45 -9.43
C ASP A 282 -29.96 -60.87 -9.65
N LYS A 283 -31.26 -61.01 -9.92
CA LYS A 283 -31.87 -62.32 -10.11
C LYS A 283 -31.29 -63.08 -11.30
N THR A 284 -30.91 -62.34 -12.34
CA THR A 284 -30.41 -62.92 -13.59
C THR A 284 -29.03 -63.53 -13.46
N ASP A 285 -28.37 -63.29 -12.33
CA ASP A 285 -26.96 -63.61 -12.16
C ASP A 285 -26.73 -65.06 -11.71
N THR A 286 -26.11 -65.85 -12.58
CA THR A 286 -25.76 -67.22 -12.24
C THR A 286 -24.27 -67.35 -12.02
N TYR A 287 -23.61 -66.23 -11.71
CA TYR A 287 -22.17 -66.23 -11.53
C TYR A 287 -21.69 -65.54 -10.25
N GLY A 288 -22.52 -64.68 -9.68
CA GLY A 288 -22.12 -63.96 -8.48
C GLY A 288 -21.12 -62.89 -8.90
N ASN A 289 -21.48 -62.20 -9.96
CA ASN A 289 -20.60 -61.24 -10.59
C ASN A 289 -21.31 -59.95 -10.96
N LYS A 290 -22.60 -60.05 -11.24
CA LYS A 290 -23.41 -58.89 -11.61
C LYS A 290 -23.65 -57.98 -10.40
N ASP A 291 -23.62 -56.67 -10.66
CA ASP A 291 -23.80 -55.67 -9.62
C ASP A 291 -25.13 -55.81 -8.88
N PRO A 292 -25.11 -55.60 -7.55
CA PRO A 292 -26.35 -55.52 -6.77
C PRO A 292 -27.31 -54.61 -7.49
N THR A 293 -28.61 -54.87 -7.45
CA THR A 293 -29.53 -54.11 -8.29
C THR A 293 -29.43 -52.60 -8.02
N ALA A 294 -29.24 -52.24 -6.75
CA ALA A 294 -29.09 -50.85 -6.35
C ALA A 294 -27.96 -50.16 -7.12
N ALA A 295 -26.83 -50.85 -7.24
CA ALA A 295 -25.72 -50.30 -8.02
C ALA A 295 -26.10 -50.16 -9.48
N SER A 296 -26.54 -51.27 -10.08
CA SER A 296 -26.89 -51.31 -11.49
C SER A 296 -27.82 -50.18 -11.91
N ARG A 297 -28.77 -49.84 -11.03
CA ARG A 297 -29.72 -48.78 -11.31
C ARG A 297 -29.12 -47.39 -11.08
N ALA A 298 -28.48 -47.21 -9.92
CA ALA A 298 -27.83 -45.93 -9.60
C ALA A 298 -26.90 -45.48 -10.71
N ALA A 299 -26.18 -46.43 -11.29
CA ALA A 299 -25.29 -46.12 -12.42
C ALA A 299 -26.08 -45.81 -13.68
N GLN A 300 -27.26 -46.41 -13.78
CA GLN A 300 -28.17 -46.15 -14.89
C GLN A 300 -28.68 -44.70 -14.82
N ILE A 301 -29.22 -44.30 -13.68
CA ILE A 301 -29.67 -42.91 -13.53
C ILE A 301 -28.48 -41.97 -13.63
N LEU A 302 -27.33 -42.42 -13.14
CA LEU A 302 -26.12 -41.64 -13.31
C LEU A 302 -25.93 -41.35 -14.80
N ASP A 303 -26.07 -42.37 -15.64
CA ASP A 303 -25.90 -42.17 -17.07
C ASP A 303 -26.86 -41.11 -17.59
N ARG A 304 -28.01 -40.98 -16.93
CA ARG A 304 -29.00 -39.97 -17.25
C ARG A 304 -28.44 -38.59 -16.97
N ALA A 305 -28.04 -38.37 -15.71
CA ALA A 305 -27.51 -37.07 -15.30
C ALA A 305 -26.37 -36.62 -16.20
N LEU A 306 -25.67 -37.57 -16.81
CA LEU A 306 -24.58 -37.23 -17.72
C LEU A 306 -25.10 -36.75 -19.07
N LYS A 307 -26.30 -37.17 -19.42
CA LYS A 307 -26.92 -36.85 -20.70
C LYS A 307 -27.39 -35.41 -20.74
N THR A 308 -27.73 -34.87 -19.58
CA THR A 308 -28.12 -33.47 -19.48
C THR A 308 -26.88 -32.60 -19.44
N LEU A 309 -25.99 -32.90 -18.50
CA LEU A 309 -24.74 -32.18 -18.42
C LEU A 309 -24.15 -32.11 -19.82
N ALA A 310 -24.21 -33.22 -20.54
CA ALA A 310 -23.55 -33.36 -21.85
C ALA A 310 -23.87 -32.26 -22.87
N GLU A 311 -25.00 -31.59 -22.69
CA GLU A 311 -25.48 -30.65 -23.68
C GLU A 311 -24.93 -29.24 -23.48
N LEU A 312 -24.31 -29.00 -22.35
CA LEU A 312 -23.59 -27.74 -22.16
C LEU A 312 -22.28 -27.84 -22.90
N PRO A 313 -21.71 -26.69 -23.26
CA PRO A 313 -20.40 -26.68 -23.90
C PRO A 313 -19.42 -27.47 -23.03
N GLU A 314 -18.59 -28.30 -23.67
CA GLU A 314 -17.64 -29.15 -22.98
C GLU A 314 -17.08 -28.52 -21.69
N GLU A 315 -16.58 -27.30 -21.79
CA GLU A 315 -15.94 -26.69 -20.64
C GLU A 315 -16.89 -26.53 -19.45
N TYR A 316 -18.15 -26.22 -19.71
CA TYR A 316 -19.09 -26.14 -18.60
C TYR A 316 -19.38 -27.54 -18.09
N ARG A 317 -19.56 -28.48 -19.03
CA ARG A 317 -19.79 -29.89 -18.76
C ARG A 317 -18.69 -30.34 -17.83
N ASP A 318 -17.46 -30.05 -18.23
CA ASP A 318 -16.29 -30.43 -17.48
C ASP A 318 -16.39 -29.96 -16.05
N PHE A 319 -16.46 -28.66 -15.89
CA PHE A 319 -16.49 -28.05 -14.58
C PHE A 319 -17.48 -28.72 -13.64
N TYR A 320 -18.66 -29.05 -14.16
CA TYR A 320 -19.71 -29.57 -13.30
C TYR A 320 -19.63 -31.08 -13.09
N ALA A 321 -19.01 -31.77 -14.04
CA ALA A 321 -18.63 -33.15 -13.80
C ALA A 321 -17.76 -33.20 -12.55
N ARG A 322 -16.71 -32.39 -12.52
CA ARG A 322 -15.78 -32.36 -11.41
C ARG A 322 -16.51 -32.03 -10.11
N ARG A 323 -17.48 -31.13 -10.19
CA ARG A 323 -18.23 -30.78 -8.99
C ARG A 323 -19.09 -31.94 -8.52
N MET A 324 -19.45 -32.79 -9.49
CA MET A 324 -20.17 -34.00 -9.19
C MET A 324 -19.27 -34.96 -8.43
N VAL A 325 -18.09 -35.26 -8.97
CA VAL A 325 -17.21 -36.23 -8.30
C VAL A 325 -16.69 -35.72 -6.96
N LEU A 326 -16.54 -34.41 -6.81
CA LEU A 326 -16.29 -33.88 -5.50
C LEU A 326 -17.45 -34.33 -4.60
N HIS A 327 -18.66 -34.07 -5.08
CA HIS A 327 -19.86 -34.36 -4.29
C HIS A 327 -19.99 -35.83 -3.89
N ILE A 328 -19.73 -36.74 -4.81
CA ILE A 328 -19.84 -38.16 -4.54
C ILE A 328 -18.78 -38.55 -3.51
N GLN A 329 -17.58 -38.02 -3.69
CA GLN A 329 -16.50 -38.36 -2.80
C GLN A 329 -16.81 -37.94 -1.36
N ASP A 330 -17.24 -36.70 -1.20
CA ASP A 330 -17.59 -36.24 0.12
C ASP A 330 -18.75 -37.03 0.78
N LYS A 331 -19.76 -37.36 -0.01
CA LYS A 331 -20.99 -37.95 0.54
C LYS A 331 -21.08 -39.49 0.63
N ALA A 332 -20.44 -40.21 -0.29
CA ALA A 332 -20.57 -41.68 -0.34
C ALA A 332 -19.32 -42.45 0.05
N TYR A 333 -18.15 -41.98 -0.35
CA TYR A 333 -16.88 -42.57 0.10
C TYR A 333 -16.88 -42.79 1.62
N SER A 334 -16.19 -43.83 2.06
CA SER A 334 -16.10 -44.19 3.49
C SER A 334 -17.09 -43.47 4.41
N MET B 24 4.24 -27.67 -12.36
CA MET B 24 2.95 -27.12 -12.80
C MET B 24 1.98 -26.84 -11.65
N ALA B 25 1.68 -27.88 -10.87
CA ALA B 25 0.84 -27.75 -9.69
C ALA B 25 1.47 -26.72 -8.75
N GLY B 26 0.63 -25.88 -8.15
CA GLY B 26 1.09 -24.92 -7.17
C GLY B 26 1.88 -23.77 -7.75
N GLN B 27 1.87 -23.65 -9.08
CA GLN B 27 2.58 -22.59 -9.77
C GLN B 27 1.92 -21.21 -9.55
N HIS B 28 2.65 -20.15 -9.86
CA HIS B 28 2.12 -18.79 -9.77
C HIS B 28 2.36 -18.03 -11.06
N LEU B 29 1.31 -17.78 -11.82
CA LEU B 29 1.46 -17.12 -13.11
C LEU B 29 0.99 -15.68 -13.11
N PRO B 30 1.50 -14.87 -14.04
CA PRO B 30 0.91 -13.55 -14.27
C PRO B 30 -0.23 -13.68 -15.25
N VAL B 31 -1.29 -12.90 -15.04
CA VAL B 31 -2.37 -12.78 -16.00
C VAL B 31 -1.90 -11.85 -17.07
N PRO B 32 -1.94 -12.30 -18.33
CA PRO B 32 -1.44 -11.49 -19.43
C PRO B 32 -2.08 -10.10 -19.44
N ARG B 33 -1.26 -9.09 -19.70
CA ARG B 33 -1.71 -7.70 -19.80
C ARG B 33 -1.55 -7.17 -21.22
N LEU B 34 -2.64 -6.74 -21.85
CA LEU B 34 -2.54 -6.18 -23.19
C LEU B 34 -3.05 -4.76 -23.25
N GLU B 35 -2.31 -3.93 -23.97
CA GLU B 35 -2.71 -2.56 -24.22
C GLU B 35 -3.09 -2.39 -25.69
N GLY B 36 -3.96 -1.43 -25.98
CA GLY B 36 -4.42 -1.18 -27.33
C GLY B 36 -5.28 -2.25 -28.02
N VAL B 37 -5.97 -3.07 -27.23
CA VAL B 37 -6.81 -4.12 -27.80
C VAL B 37 -8.10 -3.57 -28.42
N SER B 38 -8.40 -4.04 -29.62
CA SER B 38 -9.60 -3.66 -30.35
C SER B 38 -10.82 -4.49 -29.96
N ARG B 39 -11.98 -3.91 -30.19
CA ARG B 39 -13.24 -4.64 -30.11
C ARG B 39 -13.20 -6.02 -30.79
N GLU B 40 -12.88 -6.02 -32.09
CA GLU B 40 -12.90 -7.26 -32.85
C GLU B 40 -11.84 -8.21 -32.35
N GLN B 41 -10.66 -7.68 -32.04
CA GLN B 41 -9.61 -8.57 -31.58
C GLN B 41 -9.95 -9.16 -30.23
N PHE B 42 -10.63 -8.40 -29.37
CA PHE B 42 -11.07 -8.99 -28.12
C PHE B 42 -12.12 -10.01 -28.42
N MET B 43 -13.14 -9.57 -29.13
CA MET B 43 -14.28 -10.44 -29.32
C MET B 43 -13.93 -11.68 -30.14
N GLN B 44 -13.18 -11.51 -31.21
CA GLN B 44 -12.95 -12.65 -32.08
C GLN B 44 -11.69 -13.48 -31.83
N HIS B 45 -10.72 -12.92 -31.10
CA HIS B 45 -9.42 -13.59 -30.87
C HIS B 45 -9.17 -13.92 -29.38
N LEU B 46 -9.21 -12.91 -28.53
CA LEU B 46 -8.90 -13.09 -27.11
C LEU B 46 -10.01 -13.75 -26.32
N TYR B 47 -11.24 -13.34 -26.56
CA TYR B 47 -12.42 -13.87 -25.85
C TYR B 47 -12.61 -15.39 -25.99
N PRO B 48 -12.68 -15.91 -27.23
CA PRO B 48 -12.89 -17.36 -27.37
C PRO B 48 -11.79 -18.17 -26.68
N GLN B 49 -10.66 -17.53 -26.39
CA GLN B 49 -9.54 -18.19 -25.69
C GLN B 49 -9.89 -18.64 -24.26
N ARG B 50 -10.98 -18.11 -23.71
CA ARG B 50 -11.48 -18.52 -22.40
C ARG B 50 -10.49 -18.39 -21.20
N LYS B 51 -9.51 -17.48 -21.27
CA LYS B 51 -8.57 -17.25 -20.15
C LYS B 51 -8.61 -15.81 -19.64
N PRO B 52 -8.29 -15.60 -18.36
CA PRO B 52 -8.31 -14.24 -17.81
C PRO B 52 -7.27 -13.39 -18.51
N LEU B 53 -7.51 -12.09 -18.52
CA LEU B 53 -6.65 -11.18 -19.23
C LEU B 53 -6.94 -9.75 -18.77
N VAL B 54 -5.89 -8.95 -18.61
CA VAL B 54 -6.13 -7.55 -18.29
C VAL B 54 -5.83 -6.59 -19.43
N LEU B 55 -6.72 -5.64 -19.63
CA LEU B 55 -6.58 -4.65 -20.69
C LEU B 55 -6.25 -3.26 -20.15
N GLU B 56 -5.18 -2.70 -20.68
CA GLU B 56 -4.69 -1.40 -20.29
C GLU B 56 -5.13 -0.33 -21.27
N GLY B 57 -5.23 0.90 -20.77
CA GLY B 57 -5.46 2.07 -21.60
C GLY B 57 -6.75 2.16 -22.40
N ILE B 58 -7.79 1.43 -22.00
CA ILE B 58 -9.07 1.57 -22.67
C ILE B 58 -9.70 2.93 -22.33
N ASP B 59 -10.38 3.57 -23.29
CA ASP B 59 -11.10 4.83 -22.99
C ASP B 59 -12.32 4.50 -22.16
N LEU B 60 -12.26 4.83 -20.87
CA LEU B 60 -13.33 4.43 -19.96
C LEU B 60 -14.40 5.49 -19.80
N GLY B 61 -14.13 6.66 -20.37
CA GLY B 61 -14.90 7.83 -20.05
C GLY B 61 -14.16 8.58 -18.95
N PRO B 62 -14.62 9.78 -18.61
CA PRO B 62 -13.91 10.59 -17.61
C PRO B 62 -14.10 10.05 -16.21
N CYS B 63 -14.99 9.08 -16.05
CA CYS B 63 -15.26 8.51 -14.74
C CYS B 63 -13.94 8.38 -14.02
N THR B 64 -12.92 8.00 -14.78
CA THR B 64 -11.61 7.67 -14.24
C THR B 64 -10.79 8.87 -13.71
N SER B 65 -11.07 10.07 -14.19
CA SER B 65 -10.53 11.24 -13.51
C SER B 65 -11.57 12.04 -12.68
N LYS B 66 -12.85 11.66 -12.70
CA LYS B 66 -13.83 12.43 -11.93
C LYS B 66 -14.12 11.85 -10.55
N TRP B 67 -14.22 10.53 -10.48
CA TRP B 67 -14.66 9.85 -9.27
C TRP B 67 -13.71 9.91 -8.07
N THR B 68 -13.42 11.12 -7.63
CA THR B 68 -12.91 11.35 -6.29
C THR B 68 -13.97 10.93 -5.31
N VAL B 69 -13.61 10.85 -4.04
CA VAL B 69 -14.56 10.48 -3.01
C VAL B 69 -15.56 11.62 -2.82
N ASP B 70 -15.09 12.86 -2.88
CA ASP B 70 -16.00 13.98 -2.70
C ASP B 70 -17.09 13.98 -3.76
N TYR B 71 -16.74 13.53 -4.96
CA TYR B 71 -17.63 13.55 -6.10
C TYR B 71 -18.65 12.42 -6.01
N LEU B 72 -18.17 11.22 -5.71
CA LEU B 72 -19.08 10.10 -5.64
C LEU B 72 -20.12 10.36 -4.57
N SER B 73 -19.69 11.02 -3.50
CA SER B 73 -20.59 11.37 -2.41
C SER B 73 -21.61 12.32 -2.98
N GLN B 74 -21.13 13.37 -3.63
CA GLN B 74 -22.05 14.35 -4.14
C GLN B 74 -22.95 13.70 -5.21
N VAL B 75 -22.35 13.22 -6.29
CA VAL B 75 -23.12 12.71 -7.45
C VAL B 75 -23.99 11.48 -7.17
N GLY B 76 -23.46 10.54 -6.40
CA GLY B 76 -24.20 9.33 -6.12
C GLY B 76 -25.07 9.44 -4.88
N GLY B 77 -24.82 10.47 -4.10
CA GLY B 77 -25.29 10.54 -2.73
C GLY B 77 -26.66 10.04 -2.33
N LYS B 78 -26.68 9.41 -1.17
CA LYS B 78 -27.91 9.21 -0.43
C LYS B 78 -28.91 8.20 -0.98
N LYS B 79 -28.60 7.55 -2.11
CA LYS B 79 -29.27 6.30 -2.41
C LYS B 79 -28.76 5.26 -1.41
N GLU B 80 -29.59 4.93 -0.44
CA GLU B 80 -29.22 3.99 0.61
C GLU B 80 -28.92 2.59 0.05
N VAL B 81 -27.78 2.02 0.43
CA VAL B 81 -27.37 0.71 -0.10
C VAL B 81 -27.10 -0.37 0.95
N LYS B 82 -27.19 -1.62 0.50
CA LYS B 82 -26.92 -2.78 1.32
C LYS B 82 -25.43 -3.09 1.27
N ILE B 83 -24.85 -3.34 2.44
CA ILE B 83 -23.43 -3.12 2.69
C ILE B 83 -22.87 -4.16 3.66
N HIS B 84 -21.58 -4.47 3.50
CA HIS B 84 -20.90 -5.31 4.48
C HIS B 84 -20.06 -4.45 5.40
N VAL B 85 -20.07 -4.82 6.67
CA VAL B 85 -19.24 -4.18 7.67
C VAL B 85 -18.50 -5.35 8.30
N ALA B 86 -17.17 -5.26 8.37
CA ALA B 86 -16.37 -6.32 9.00
C ALA B 86 -15.33 -5.70 9.91
N ALA B 87 -15.18 -6.25 11.10
CA ALA B 87 -14.17 -5.75 12.04
C ALA B 87 -12.79 -6.29 11.72
N VAL B 88 -12.67 -7.07 10.65
CA VAL B 88 -11.43 -7.76 10.35
C VAL B 88 -11.15 -7.88 8.86
N ALA B 89 -9.92 -7.58 8.46
CA ALA B 89 -9.53 -7.65 7.06
C ALA B 89 -10.01 -8.94 6.36
N GLN B 90 -9.53 -10.10 6.80
CA GLN B 90 -9.96 -11.36 6.21
C GLN B 90 -11.41 -11.60 6.60
N MET B 91 -12.32 -11.51 5.64
CA MET B 91 -13.72 -11.79 5.90
C MET B 91 -13.97 -13.28 5.80
N ASP B 92 -14.84 -13.80 6.65
CA ASP B 92 -14.99 -15.23 6.78
C ASP B 92 -16.44 -15.62 6.80
N PHE B 93 -16.87 -16.36 5.79
CA PHE B 93 -18.26 -16.83 5.74
C PHE B 93 -18.43 -18.14 6.51
N ILE B 94 -17.34 -18.87 6.73
CA ILE B 94 -17.44 -20.11 7.50
C ILE B 94 -17.83 -19.78 8.94
N SER B 95 -17.38 -18.63 9.43
CA SER B 95 -17.67 -18.22 10.81
C SER B 95 -18.54 -16.95 10.82
N LYS B 96 -19.08 -16.60 9.67
CA LYS B 96 -19.60 -15.25 9.44
C LYS B 96 -19.09 -14.29 10.50
N ASN B 97 -18.02 -13.59 10.16
CA ASN B 97 -17.35 -12.69 11.08
C ASN B 97 -17.56 -11.27 10.63
N PHE B 98 -18.65 -11.07 9.91
CA PHE B 98 -19.04 -9.75 9.45
C PHE B 98 -20.56 -9.71 9.49
N VAL B 99 -21.10 -8.50 9.46
CA VAL B 99 -22.53 -8.30 9.53
C VAL B 99 -23.02 -7.44 8.35
N TYR B 100 -24.31 -7.58 8.02
CA TYR B 100 -24.90 -6.72 7.00
C TYR B 100 -25.46 -5.43 7.61
N ARG B 101 -25.52 -4.38 6.81
CA ARG B 101 -26.06 -3.09 7.26
C ARG B 101 -26.40 -2.32 6.03
N THR B 102 -27.08 -1.19 6.20
CA THR B 102 -27.33 -0.31 5.08
C THR B 102 -26.69 1.03 5.36
N LEU B 103 -26.47 1.81 4.30
CA LEU B 103 -25.90 3.13 4.42
C LEU B 103 -26.23 3.97 3.19
N PRO B 104 -26.34 5.29 3.37
CA PRO B 104 -26.51 6.19 2.23
C PRO B 104 -25.24 6.13 1.41
N PHE B 105 -25.38 6.06 0.09
CA PHE B 105 -24.22 5.98 -0.77
C PHE B 105 -23.05 6.86 -0.33
N ASP B 106 -23.28 8.17 -0.19
CA ASP B 106 -22.19 9.07 0.18
C ASP B 106 -21.48 8.63 1.47
N GLN B 107 -22.27 8.44 2.53
CA GLN B 107 -21.74 7.91 3.78
C GLN B 107 -20.82 6.71 3.56
N LEU B 108 -21.31 5.70 2.83
CA LEU B 108 -20.53 4.50 2.58
C LEU B 108 -19.20 4.82 1.95
N VAL B 109 -19.23 5.54 0.84
CA VAL B 109 -18.00 6.06 0.27
C VAL B 109 -17.08 6.73 1.30
N GLN B 110 -17.58 7.77 1.96
CA GLN B 110 -16.75 8.47 2.91
C GLN B 110 -16.12 7.49 3.90
N ARG B 111 -16.86 6.47 4.29
CA ARG B 111 -16.37 5.54 5.30
C ARG B 111 -15.29 4.57 4.79
N ALA B 112 -15.41 4.16 3.52
CA ALA B 112 -14.48 3.17 2.98
C ALA B 112 -13.10 3.79 2.73
N ALA B 113 -13.08 5.11 2.54
CA ALA B 113 -11.84 5.83 2.25
C ALA B 113 -11.11 6.20 3.54
N GLU B 114 -11.84 6.16 4.67
CA GLU B 114 -11.27 6.35 6.00
C GLU B 114 -10.36 5.18 6.37
N GLU B 115 -9.62 5.35 7.46
CA GLU B 115 -8.97 4.21 8.07
C GLU B 115 -9.63 4.01 9.43
N LYS B 116 -9.79 5.10 10.17
CA LYS B 116 -10.52 5.05 11.44
C LYS B 116 -11.89 5.66 11.22
N HIS B 117 -12.83 5.35 12.11
CA HIS B 117 -14.20 5.82 11.96
C HIS B 117 -14.69 6.54 13.21
N LYS B 118 -15.26 7.73 13.07
CA LYS B 118 -15.85 8.42 14.22
C LYS B 118 -17.13 7.70 14.57
N GLU B 119 -17.99 7.51 13.58
CA GLU B 119 -19.17 6.70 13.78
C GLU B 119 -18.96 5.33 13.11
N PHE B 120 -19.56 4.29 13.66
CA PHE B 120 -19.39 2.96 13.08
C PHE B 120 -20.43 1.97 13.56
N PHE B 121 -20.49 0.81 12.90
CA PHE B 121 -21.47 -0.20 13.24
C PHE B 121 -20.94 -1.23 14.24
N VAL B 122 -19.62 -1.33 14.38
CA VAL B 122 -19.02 -2.38 15.22
C VAL B 122 -17.68 -2.01 15.85
N SER B 123 -16.78 -1.40 15.09
CA SER B 123 -15.53 -0.91 15.64
C SER B 123 -14.99 0.22 14.78
N GLU B 124 -14.11 1.05 15.34
CA GLU B 124 -13.62 2.22 14.63
C GLU B 124 -12.71 1.86 13.47
N ASP B 125 -12.41 0.58 13.33
CA ASP B 125 -11.47 0.15 12.31
C ASP B 125 -12.11 -0.80 11.33
N GLU B 126 -13.39 -1.08 11.58
CA GLU B 126 -14.16 -1.97 10.73
C GLU B 126 -13.97 -1.58 9.27
N LYS B 127 -14.10 -2.54 8.38
CA LYS B 127 -13.91 -2.25 6.96
C LYS B 127 -15.25 -2.36 6.23
N TYR B 128 -15.35 -1.69 5.09
CA TYR B 128 -16.62 -1.60 4.36
C TYR B 128 -16.55 -2.28 2.99
N TYR B 129 -17.68 -2.85 2.56
CA TYR B 129 -17.75 -3.50 1.25
C TYR B 129 -19.11 -3.45 0.57
N LEU B 130 -19.21 -2.66 -0.49
CA LEU B 130 -20.41 -2.55 -1.27
C LEU B 130 -20.32 -3.38 -2.52
N ARG B 131 -21.32 -4.23 -2.68
CA ARG B 131 -21.60 -4.94 -3.90
C ARG B 131 -23.02 -4.53 -4.28
N SER B 132 -23.12 -3.61 -5.23
CA SER B 132 -24.37 -3.00 -5.63
C SER B 132 -25.46 -4.05 -5.98
N LEU B 133 -26.73 -3.73 -5.74
CA LEU B 133 -27.86 -4.66 -6.00
C LEU B 133 -29.05 -3.94 -6.62
N GLY B 134 -29.77 -4.62 -7.50
CA GLY B 134 -30.95 -4.05 -8.15
C GLY B 134 -32.05 -3.73 -7.16
N GLU B 135 -32.90 -2.76 -7.50
CA GLU B 135 -33.84 -2.21 -6.51
C GLU B 135 -34.50 -3.31 -5.67
N ASP B 136 -35.14 -4.27 -6.31
CA ASP B 136 -35.66 -5.43 -5.57
C ASP B 136 -34.86 -6.66 -5.92
N PRO B 137 -33.83 -6.94 -5.11
CA PRO B 137 -32.84 -8.01 -5.34
C PRO B 137 -33.49 -9.35 -5.71
N ARG B 138 -34.78 -9.47 -5.42
CA ARG B 138 -35.53 -10.71 -5.65
C ARG B 138 -35.91 -10.85 -7.12
N LYS B 139 -36.11 -9.73 -7.80
CA LYS B 139 -36.51 -9.77 -9.21
C LYS B 139 -35.70 -8.84 -10.11
N ASP B 140 -34.77 -8.07 -9.55
CA ASP B 140 -33.99 -7.15 -10.35
C ASP B 140 -32.51 -7.45 -10.22
N VAL B 141 -31.83 -7.67 -11.34
CA VAL B 141 -30.37 -7.67 -11.32
C VAL B 141 -29.99 -6.22 -11.13
N ALA B 142 -28.78 -6.00 -10.64
CA ALA B 142 -28.28 -4.64 -10.49
C ALA B 142 -27.90 -4.09 -11.87
N ASP B 143 -28.24 -2.83 -12.08
CA ASP B 143 -27.88 -2.15 -13.30
C ASP B 143 -27.51 -0.70 -12.99
N ILE B 144 -26.21 -0.42 -13.12
CA ILE B 144 -25.66 0.91 -12.88
C ILE B 144 -26.41 1.99 -13.67
N ARG B 145 -26.83 1.62 -14.88
CA ARG B 145 -27.55 2.52 -15.76
C ARG B 145 -28.87 2.86 -15.07
N LYS B 146 -29.61 1.83 -14.68
CA LYS B 146 -30.87 2.00 -13.97
C LYS B 146 -30.74 2.70 -12.60
N GLN B 147 -29.82 2.25 -11.76
CA GLN B 147 -29.82 2.73 -10.37
C GLN B 147 -28.87 3.88 -10.02
N PHE B 148 -27.95 4.21 -10.92
CA PHE B 148 -27.05 5.33 -10.71
C PHE B 148 -26.90 6.12 -11.98
N PRO B 149 -28.03 6.61 -12.47
CA PRO B 149 -28.09 7.25 -13.79
C PRO B 149 -26.96 8.26 -14.00
N LEU B 150 -26.77 9.20 -13.07
CA LEU B 150 -25.73 10.21 -13.29
C LEU B 150 -24.34 9.55 -13.39
N LEU B 151 -24.05 8.64 -12.48
CA LEU B 151 -22.74 8.05 -12.43
C LEU B 151 -22.50 7.25 -13.71
N LYS B 152 -23.52 6.52 -14.17
CA LYS B 152 -23.37 5.77 -15.41
C LYS B 152 -22.84 6.72 -16.50
N GLY B 153 -23.32 7.96 -16.46
CA GLY B 153 -22.81 9.01 -17.34
C GLY B 153 -21.31 9.06 -17.55
N ASP B 154 -20.53 8.86 -16.50
CA ASP B 154 -19.10 9.09 -16.62
C ASP B 154 -18.35 7.86 -17.11
N ILE B 155 -19.05 6.77 -17.32
CA ILE B 155 -18.32 5.54 -17.64
C ILE B 155 -18.81 4.81 -18.89
N LYS B 156 -17.95 4.68 -19.90
CA LYS B 156 -18.31 3.96 -21.13
C LYS B 156 -17.99 2.47 -21.05
N PHE B 157 -18.98 1.63 -20.81
CA PHE B 157 -18.70 0.19 -20.80
C PHE B 157 -17.98 -0.18 -22.08
N PRO B 158 -16.85 -0.89 -21.97
CA PRO B 158 -16.22 -1.34 -23.21
C PRO B 158 -17.19 -2.26 -23.95
N GLU B 159 -17.37 -2.01 -25.23
CA GLU B 159 -18.37 -2.79 -25.91
C GLU B 159 -17.66 -4.06 -26.32
N PHE B 160 -17.65 -5.04 -25.40
CA PHE B 160 -16.95 -6.29 -25.63
C PHE B 160 -17.85 -7.51 -25.69
N PHE B 161 -19.13 -7.27 -25.95
CA PHE B 161 -20.11 -8.34 -25.92
C PHE B 161 -21.39 -7.80 -26.54
N LYS B 162 -22.14 -8.70 -27.18
CA LYS B 162 -23.44 -8.36 -27.73
C LYS B 162 -24.35 -7.84 -26.62
N GLU B 163 -25.15 -6.82 -26.91
CA GLU B 163 -25.97 -6.20 -25.88
C GLU B 163 -27.10 -7.11 -25.42
N GLU B 164 -27.63 -7.90 -26.35
CA GLU B 164 -28.66 -8.88 -26.03
C GLU B 164 -28.15 -9.89 -24.99
N GLN B 165 -26.87 -9.85 -24.67
CA GLN B 165 -26.40 -10.75 -23.64
C GLN B 165 -26.05 -10.04 -22.33
N PHE B 166 -26.16 -8.72 -22.32
CA PHE B 166 -25.99 -8.03 -21.05
C PHE B 166 -26.79 -8.73 -19.96
N PHE B 167 -26.30 -8.66 -18.73
CA PHE B 167 -26.98 -9.32 -17.62
C PHE B 167 -27.21 -8.37 -16.47
N SER B 168 -26.11 -7.77 -16.01
CA SER B 168 -26.09 -6.98 -14.81
C SER B 168 -24.86 -6.06 -14.79
N SER B 169 -24.94 -4.93 -14.09
CA SER B 169 -23.76 -4.12 -13.87
C SER B 169 -23.70 -3.71 -12.40
N VAL B 170 -22.52 -3.78 -11.82
CA VAL B 170 -22.44 -3.79 -10.36
C VAL B 170 -21.38 -2.83 -9.86
N PHE B 171 -21.71 -2.07 -8.82
CA PHE B 171 -20.67 -1.30 -8.16
C PHE B 171 -19.82 -2.17 -7.22
N ARG B 172 -18.60 -1.71 -6.97
CA ARG B 172 -17.68 -2.46 -6.12
C ARG B 172 -16.77 -1.48 -5.40
N ILE B 173 -17.15 -1.12 -4.18
CA ILE B 173 -16.34 -0.21 -3.39
C ILE B 173 -15.97 -0.82 -2.03
N SER B 174 -14.68 -0.79 -1.69
CA SER B 174 -14.23 -1.43 -0.47
C SER B 174 -13.20 -0.63 0.27
N SER B 175 -13.14 -0.87 1.58
CA SER B 175 -12.07 -0.30 2.37
C SER B 175 -10.74 -0.90 1.91
N PRO B 176 -9.65 -0.15 2.14
CA PRO B 176 -8.39 -0.80 1.81
C PRO B 176 -8.07 -1.91 2.81
N GLY B 177 -7.30 -2.90 2.41
CA GLY B 177 -6.98 -4.00 3.30
C GLY B 177 -8.11 -5.01 3.39
N LEU B 178 -9.21 -4.77 2.69
CA LEU B 178 -10.35 -5.67 2.80
C LEU B 178 -10.15 -6.87 1.92
N GLN B 179 -10.16 -8.05 2.53
CA GLN B 179 -10.07 -9.26 1.75
C GLN B 179 -11.39 -10.01 1.57
N LEU B 180 -11.97 -9.85 0.40
CA LEU B 180 -13.08 -10.70 -0.01
C LEU B 180 -12.53 -12.11 -0.19
N TRP B 181 -13.41 -13.10 -0.14
CA TRP B 181 -13.02 -14.50 -0.33
C TRP B 181 -13.11 -14.96 -1.79
N THR B 182 -12.52 -16.13 -2.01
CA THR B 182 -12.44 -16.80 -3.30
C THR B 182 -13.78 -17.37 -3.73
N HIS B 183 -14.31 -16.88 -4.86
CA HIS B 183 -15.58 -17.38 -5.37
C HIS B 183 -15.50 -17.40 -6.89
N TYR B 184 -16.59 -17.80 -7.52
CA TYR B 184 -16.73 -17.70 -8.97
C TYR B 184 -18.19 -17.45 -9.31
N ASP B 185 -18.39 -17.03 -10.56
CA ASP B 185 -19.69 -16.68 -11.08
C ASP B 185 -20.01 -17.50 -12.31
N VAL B 186 -21.26 -17.45 -12.74
CA VAL B 186 -21.70 -18.21 -13.89
C VAL B 186 -21.61 -17.39 -15.17
N MET B 187 -21.53 -16.07 -15.02
CA MET B 187 -21.43 -15.18 -16.18
C MET B 187 -19.99 -14.80 -16.45
N ASP B 188 -19.73 -14.37 -17.68
CA ASP B 188 -18.48 -13.71 -18.00
C ASP B 188 -18.54 -12.32 -17.40
N ASN B 189 -17.38 -11.70 -17.20
CA ASN B 189 -17.30 -10.53 -16.35
C ASN B 189 -16.10 -9.67 -16.67
N LEU B 190 -16.36 -8.39 -16.89
CA LEU B 190 -15.34 -7.37 -17.09
C LEU B 190 -15.30 -6.54 -15.83
N LEU B 191 -14.19 -6.63 -15.11
CA LEU B 191 -14.01 -5.84 -13.90
C LEU B 191 -13.18 -4.59 -14.19
N ILE B 192 -13.78 -3.44 -13.94
CA ILE B 192 -13.19 -2.18 -14.33
C ILE B 192 -12.69 -1.46 -13.10
N GLN B 193 -11.39 -1.44 -12.91
CA GLN B 193 -10.87 -0.69 -11.78
C GLN B 193 -10.81 0.79 -12.20
N VAL B 194 -11.67 1.58 -11.60
CA VAL B 194 -11.72 2.97 -11.96
C VAL B 194 -10.78 3.80 -11.10
N THR B 195 -10.72 3.46 -9.83
CA THR B 195 -9.97 4.19 -8.84
C THR B 195 -9.40 3.16 -7.93
N GLY B 196 -8.15 3.34 -7.51
CA GLY B 196 -7.55 2.44 -6.55
C GLY B 196 -6.87 1.22 -7.15
N LYS B 197 -6.01 0.59 -6.37
CA LYS B 197 -5.31 -0.61 -6.80
C LYS B 197 -5.95 -1.85 -6.20
N LYS B 198 -6.16 -2.84 -7.06
CA LYS B 198 -6.81 -4.07 -6.66
C LYS B 198 -5.84 -5.22 -6.95
N ARG B 199 -5.70 -6.15 -6.01
CA ARG B 199 -4.97 -7.38 -6.29
C ARG B 199 -5.96 -8.49 -6.55
N VAL B 200 -5.66 -9.31 -7.54
CA VAL B 200 -6.60 -10.34 -7.89
C VAL B 200 -5.86 -11.61 -8.28
N VAL B 201 -6.06 -12.68 -7.52
CA VAL B 201 -5.50 -13.96 -7.91
C VAL B 201 -6.61 -14.90 -8.35
N LEU B 202 -6.33 -15.69 -9.38
CA LEU B 202 -7.34 -16.47 -10.04
C LEU B 202 -6.94 -17.93 -10.11
N PHE B 203 -7.95 -18.80 -10.19
CA PHE B 203 -7.74 -20.23 -10.29
C PHE B 203 -8.55 -20.82 -11.43
N SER B 204 -7.91 -21.59 -12.30
CA SER B 204 -8.62 -22.28 -13.35
C SER B 204 -9.82 -22.96 -12.77
N PRO B 205 -10.92 -23.00 -13.52
CA PRO B 205 -12.13 -23.76 -13.17
C PRO B 205 -11.78 -25.22 -12.86
N ARG B 206 -10.81 -25.74 -13.58
CA ARG B 206 -10.40 -27.10 -13.33
C ARG B 206 -9.64 -27.23 -12.01
N ASP B 207 -9.51 -26.17 -11.23
CA ASP B 207 -8.80 -26.30 -9.96
C ASP B 207 -9.77 -26.56 -8.80
N ALA B 208 -11.03 -26.74 -9.16
CA ALA B 208 -12.09 -26.93 -8.18
C ALA B 208 -11.77 -27.95 -7.05
N GLN B 209 -11.33 -29.13 -7.45
CA GLN B 209 -10.95 -30.19 -6.54
C GLN B 209 -10.04 -29.67 -5.44
N TYR B 210 -9.20 -28.68 -5.77
CA TYR B 210 -8.19 -28.21 -4.81
C TYR B 210 -8.67 -27.12 -3.87
N LEU B 211 -9.87 -26.61 -4.13
CA LEU B 211 -10.32 -25.37 -3.51
C LEU B 211 -11.24 -25.52 -2.29
N TYR B 212 -11.59 -26.78 -1.96
CA TYR B 212 -12.49 -27.04 -0.84
C TYR B 212 -13.67 -26.07 -0.87
N LEU B 213 -14.62 -26.30 -1.77
CA LEU B 213 -15.68 -25.32 -1.97
C LEU B 213 -16.94 -25.66 -1.20
N LYS B 214 -17.53 -24.63 -0.61
CA LYS B 214 -18.90 -24.69 -0.14
C LYS B 214 -19.76 -23.77 -1.04
N GLY B 215 -20.38 -24.36 -2.07
CA GLY B 215 -21.12 -23.57 -3.02
C GLY B 215 -20.17 -22.88 -3.99
N THR B 216 -20.30 -21.57 -4.11
CA THR B 216 -19.45 -20.85 -5.02
C THR B 216 -18.26 -20.28 -4.25
N LYS B 217 -18.20 -20.60 -2.97
CA LYS B 217 -17.15 -20.11 -2.09
C LYS B 217 -16.11 -21.22 -1.77
N SER B 218 -14.88 -20.79 -1.48
CA SER B 218 -13.83 -21.68 -1.03
C SER B 218 -13.57 -21.47 0.45
N GLU B 219 -13.24 -22.54 1.15
CA GLU B 219 -12.99 -22.44 2.59
C GLU B 219 -11.58 -21.92 2.91
N VAL B 220 -10.70 -21.85 1.90
CA VAL B 220 -9.33 -21.42 2.12
C VAL B 220 -9.27 -19.91 2.15
N LEU B 221 -9.36 -19.34 3.35
CA LEU B 221 -9.42 -17.89 3.49
C LEU B 221 -8.11 -17.17 3.26
N ASN B 222 -7.08 -17.59 3.98
CA ASN B 222 -5.74 -17.06 3.79
C ASN B 222 -5.04 -17.83 2.69
N ILE B 223 -5.18 -17.35 1.46
CA ILE B 223 -4.54 -17.99 0.31
C ILE B 223 -3.04 -17.77 0.26
N ASP B 224 -2.56 -16.64 0.76
CA ASP B 224 -1.13 -16.34 0.74
C ASP B 224 -0.35 -17.22 1.71
N ASN B 225 -0.98 -17.53 2.83
CA ASN B 225 -0.33 -18.34 3.84
C ASN B 225 -1.30 -19.36 4.37
N PRO B 226 -1.62 -20.38 3.56
CA PRO B 226 -2.62 -21.44 3.78
C PRO B 226 -2.28 -22.42 4.89
N ASP B 227 -3.28 -22.72 5.71
CA ASP B 227 -3.18 -23.75 6.72
C ASP B 227 -3.32 -25.14 6.09
N LEU B 228 -2.20 -25.64 5.57
CA LEU B 228 -2.19 -26.90 4.83
C LEU B 228 -2.49 -28.11 5.71
N ALA B 229 -2.59 -27.88 7.02
CA ALA B 229 -2.98 -28.98 7.89
C ALA B 229 -4.45 -29.30 7.61
N LYS B 230 -5.23 -28.24 7.47
CA LYS B 230 -6.65 -28.35 7.22
C LYS B 230 -6.99 -28.39 5.72
N TYR B 231 -6.15 -27.79 4.87
CA TYR B 231 -6.41 -27.77 3.43
C TYR B 231 -5.25 -28.26 2.59
N PRO B 232 -4.81 -29.49 2.83
CA PRO B 232 -3.65 -30.05 2.12
C PRO B 232 -3.72 -29.89 0.60
N LEU B 233 -4.91 -30.07 0.03
CA LEU B 233 -5.03 -30.16 -1.40
C LEU B 233 -4.89 -28.80 -2.04
N PHE B 234 -5.06 -27.76 -1.23
CA PHE B 234 -4.93 -26.42 -1.74
C PHE B 234 -3.56 -26.23 -2.43
N SER B 235 -2.63 -27.13 -2.09
CA SER B 235 -1.26 -27.04 -2.59
C SER B 235 -1.13 -27.18 -4.09
N LYS B 236 -1.97 -28.00 -4.71
CA LYS B 236 -1.89 -28.24 -6.15
C LYS B 236 -2.50 -27.09 -6.92
N ALA B 237 -3.09 -26.14 -6.19
CA ALA B 237 -3.76 -25.01 -6.82
C ALA B 237 -2.78 -24.10 -7.55
N ARG B 238 -2.95 -23.95 -8.86
CA ARG B 238 -2.10 -23.06 -9.67
C ARG B 238 -2.74 -21.68 -9.81
N ARG B 239 -2.13 -20.70 -9.18
CA ARG B 239 -2.75 -19.39 -9.11
C ARG B 239 -2.22 -18.40 -10.13
N TYR B 240 -3.13 -17.72 -10.82
CA TYR B 240 -2.77 -16.57 -11.65
C TYR B 240 -2.91 -15.33 -10.80
N GLU B 241 -1.98 -14.39 -10.92
CA GLU B 241 -2.11 -13.15 -10.17
C GLU B 241 -2.00 -11.90 -11.03
N CYS B 242 -2.67 -10.84 -10.61
CA CYS B 242 -2.59 -9.55 -11.28
C CYS B 242 -2.94 -8.44 -10.30
N SER B 243 -2.35 -7.25 -10.49
CA SER B 243 -2.80 -6.09 -9.72
C SER B 243 -3.30 -5.02 -10.67
N LEU B 244 -4.44 -4.43 -10.32
CA LEU B 244 -5.13 -3.50 -11.20
C LEU B 244 -4.96 -2.05 -10.75
N GLU B 245 -4.33 -1.25 -11.60
CA GLU B 245 -4.22 0.19 -11.38
C GLU B 245 -5.50 0.80 -11.88
N ALA B 246 -5.76 2.04 -11.47
CA ALA B 246 -6.88 2.78 -12.03
C ALA B 246 -6.82 2.77 -13.57
N GLY B 247 -7.97 2.58 -14.21
CA GLY B 247 -8.05 2.51 -15.66
C GLY B 247 -7.95 1.09 -16.18
N ASP B 248 -7.39 0.20 -15.37
CA ASP B 248 -7.22 -1.20 -15.76
C ASP B 248 -8.57 -1.91 -15.89
N VAL B 249 -8.68 -2.77 -16.89
CA VAL B 249 -9.87 -3.61 -16.99
C VAL B 249 -9.45 -5.09 -17.04
N LEU B 250 -10.13 -5.92 -16.26
CA LEU B 250 -9.78 -7.35 -16.22
C LEU B 250 -10.95 -8.22 -16.67
N PHE B 251 -10.70 -9.12 -17.60
CA PHE B 251 -11.73 -10.04 -18.06
C PHE B 251 -11.69 -11.36 -17.26
N ILE B 252 -12.83 -11.84 -16.82
CA ILE B 252 -12.86 -13.08 -16.06
C ILE B 252 -13.81 -14.08 -16.69
N PRO B 253 -13.26 -15.16 -17.26
CA PRO B 253 -14.22 -16.11 -17.85
C PRO B 253 -15.07 -16.78 -16.76
N ALA B 254 -16.29 -17.14 -17.13
CA ALA B 254 -17.21 -17.79 -16.22
C ALA B 254 -16.51 -19.00 -15.60
N LEU B 255 -16.86 -19.28 -14.34
CA LEU B 255 -16.33 -20.45 -13.66
C LEU B 255 -14.91 -20.24 -13.15
N TRP B 256 -14.28 -19.13 -13.54
CA TRP B 256 -12.98 -18.81 -12.99
C TRP B 256 -13.05 -18.28 -11.56
N PHE B 257 -12.38 -18.98 -10.66
CA PHE B 257 -12.31 -18.52 -9.30
C PHE B 257 -11.49 -17.26 -9.18
N HIS B 258 -11.84 -16.44 -8.21
CA HIS B 258 -11.08 -15.24 -8.01
C HIS B 258 -11.17 -14.75 -6.60
N ASN B 259 -10.07 -14.14 -6.18
CA ASN B 259 -9.96 -13.54 -4.87
C ASN B 259 -9.44 -12.12 -5.06
N VAL B 260 -10.21 -11.14 -4.60
CA VAL B 260 -9.75 -9.75 -4.63
C VAL B 260 -9.47 -9.17 -3.26
N ILE B 261 -8.47 -8.32 -3.24
CA ILE B 261 -8.06 -7.60 -2.06
C ILE B 261 -7.90 -6.17 -2.52
N SER B 262 -8.69 -5.29 -1.93
CA SER B 262 -8.50 -3.90 -2.25
C SER B 262 -7.22 -3.49 -1.56
N GLU B 263 -6.21 -3.16 -2.34
CA GLU B 263 -4.95 -2.80 -1.71
C GLU B 263 -5.07 -1.38 -1.19
N GLU B 264 -5.90 -0.57 -1.83
CA GLU B 264 -6.14 0.79 -1.39
C GLU B 264 -7.60 1.04 -1.17
N PHE B 265 -7.99 2.31 -1.19
CA PHE B 265 -9.37 2.64 -1.48
C PHE B 265 -9.55 2.80 -2.99
N GLY B 266 -10.66 2.26 -3.49
CA GLY B 266 -10.94 2.34 -4.91
C GLY B 266 -12.39 2.02 -5.28
N VAL B 267 -12.79 2.49 -6.46
CA VAL B 267 -14.14 2.27 -6.94
C VAL B 267 -14.15 1.36 -8.15
N GLY B 268 -14.89 0.28 -8.04
CA GLY B 268 -14.93 -0.68 -9.12
C GLY B 268 -16.30 -0.83 -9.74
N VAL B 269 -16.33 -1.01 -11.06
CA VAL B 269 -17.54 -1.38 -11.76
C VAL B 269 -17.30 -2.67 -12.54
N ASN B 270 -18.14 -3.68 -12.26
CA ASN B 270 -18.13 -4.88 -13.07
C ASN B 270 -19.36 -5.09 -13.96
N ILE B 271 -19.11 -5.70 -15.11
CA ILE B 271 -20.18 -6.02 -16.04
C ILE B 271 -20.24 -7.51 -16.25
N PHE B 272 -21.39 -8.11 -15.95
CA PHE B 272 -21.57 -9.53 -16.19
C PHE B 272 -22.25 -9.63 -17.51
N TRP B 273 -22.07 -10.74 -18.22
CA TRP B 273 -22.89 -11.04 -19.40
C TRP B 273 -22.93 -12.51 -19.77
N LYS B 274 -23.96 -12.90 -20.53
CA LYS B 274 -24.15 -14.29 -20.88
C LYS B 274 -23.18 -14.73 -21.97
N HIS B 275 -22.52 -15.84 -21.73
CA HIS B 275 -21.65 -16.46 -22.70
C HIS B 275 -22.52 -17.45 -23.45
N LEU B 276 -23.60 -17.86 -22.79
CA LEU B 276 -24.50 -18.89 -23.28
C LEU B 276 -25.86 -18.32 -23.69
N PRO B 277 -26.60 -19.08 -24.50
CA PRO B 277 -28.01 -18.75 -24.80
C PRO B 277 -28.75 -18.46 -23.51
N SER B 278 -29.47 -17.33 -23.49
CA SER B 278 -30.17 -16.89 -22.28
C SER B 278 -31.04 -18.02 -21.77
N GLU B 279 -31.42 -18.92 -22.67
CA GLU B 279 -32.31 -20.01 -22.28
C GLU B 279 -31.70 -20.96 -21.21
N CYS B 280 -30.37 -21.04 -21.18
CA CYS B 280 -29.71 -22.02 -20.33
C CYS B 280 -29.69 -21.60 -18.87
N TYR B 281 -29.81 -20.30 -18.63
CA TYR B 281 -29.63 -19.76 -17.27
C TYR B 281 -30.88 -19.84 -16.41
N ASP B 282 -30.67 -19.87 -15.09
CA ASP B 282 -31.77 -19.84 -14.13
C ASP B 282 -32.31 -18.41 -13.98
N LYS B 283 -33.62 -18.26 -14.17
CA LYS B 283 -34.23 -16.94 -14.18
C LYS B 283 -34.40 -16.27 -12.81
N THR B 284 -34.45 -17.06 -11.74
CA THR B 284 -34.49 -16.50 -10.38
C THR B 284 -33.16 -15.88 -9.97
N ASP B 285 -32.10 -16.21 -10.68
CA ASP B 285 -30.78 -15.74 -10.31
C ASP B 285 -30.54 -14.32 -10.80
N THR B 286 -30.43 -13.40 -9.87
CA THR B 286 -30.18 -12.01 -10.22
C THR B 286 -28.77 -11.62 -9.84
N TYR B 287 -28.06 -12.58 -9.25
CA TYR B 287 -26.73 -12.29 -8.77
C TYR B 287 -25.65 -12.81 -9.75
N GLY B 288 -25.86 -13.99 -10.30
CA GLY B 288 -24.89 -14.58 -11.22
C GLY B 288 -24.13 -15.75 -10.62
N ASN B 289 -24.62 -16.26 -9.49
CA ASN B 289 -24.08 -17.47 -8.89
C ASN B 289 -24.76 -18.71 -9.41
N LYS B 290 -26.08 -18.66 -9.57
CA LYS B 290 -26.84 -19.90 -9.72
C LYS B 290 -26.43 -20.70 -10.94
N ASP B 291 -26.38 -22.01 -10.78
CA ASP B 291 -25.92 -22.90 -11.86
C ASP B 291 -26.92 -22.96 -12.97
N PRO B 292 -26.41 -22.93 -14.21
CA PRO B 292 -27.25 -23.09 -15.39
C PRO B 292 -28.17 -24.25 -15.11
N THR B 293 -29.44 -24.11 -15.47
CA THR B 293 -30.42 -25.10 -15.12
C THR B 293 -29.93 -26.53 -15.35
N ALA B 294 -29.41 -26.80 -16.55
CA ALA B 294 -28.92 -28.14 -16.87
C ALA B 294 -28.02 -28.73 -15.77
N ALA B 295 -27.06 -27.95 -15.29
CA ALA B 295 -26.17 -28.40 -14.24
C ALA B 295 -26.97 -28.64 -12.96
N SER B 296 -27.75 -27.66 -12.57
CA SER B 296 -28.52 -27.77 -11.34
C SER B 296 -29.45 -28.99 -11.39
N ARG B 297 -30.07 -29.21 -12.55
CA ARG B 297 -30.89 -30.40 -12.74
C ARG B 297 -30.04 -31.65 -12.51
N ALA B 298 -28.96 -31.76 -13.28
CA ALA B 298 -27.99 -32.85 -13.11
C ALA B 298 -27.73 -33.16 -11.64
N ALA B 299 -27.43 -32.12 -10.86
CA ALA B 299 -27.16 -32.25 -9.43
C ALA B 299 -28.30 -32.90 -8.64
N GLN B 300 -29.53 -32.60 -9.05
CA GLN B 300 -30.73 -33.20 -8.47
C GLN B 300 -30.81 -34.68 -8.83
N ILE B 301 -30.59 -34.99 -10.10
CA ILE B 301 -30.53 -36.39 -10.55
C ILE B 301 -29.50 -37.15 -9.70
N LEU B 302 -28.31 -36.59 -9.60
CA LEU B 302 -27.19 -37.21 -8.91
C LEU B 302 -27.53 -37.50 -7.45
N ASP B 303 -28.07 -36.50 -6.77
CA ASP B 303 -28.46 -36.67 -5.38
C ASP B 303 -29.37 -37.89 -5.25
N ARG B 304 -30.00 -38.25 -6.36
CA ARG B 304 -30.93 -39.37 -6.41
C ARG B 304 -30.18 -40.69 -6.35
N ALA B 305 -29.22 -40.86 -7.26
CA ALA B 305 -28.36 -42.03 -7.26
C ALA B 305 -27.68 -42.21 -5.90
N LEU B 306 -27.08 -41.13 -5.39
CA LEU B 306 -26.46 -41.11 -4.07
C LEU B 306 -27.39 -41.55 -2.95
N LYS B 307 -28.67 -41.67 -3.28
CA LYS B 307 -29.68 -42.05 -2.32
C LYS B 307 -30.03 -43.52 -2.50
N THR B 308 -30.23 -43.96 -3.75
CA THR B 308 -30.52 -45.37 -3.99
C THR B 308 -29.31 -46.19 -3.52
N LEU B 309 -28.14 -45.86 -4.04
CA LEU B 309 -26.92 -46.52 -3.59
C LEU B 309 -26.85 -46.43 -2.08
N ALA B 310 -27.18 -45.25 -1.57
CA ALA B 310 -26.94 -44.87 -0.18
C ALA B 310 -27.13 -45.97 0.86
N GLU B 311 -28.21 -46.71 0.80
CA GLU B 311 -28.40 -47.64 1.90
C GLU B 311 -28.13 -49.10 1.57
N LEU B 312 -27.26 -49.26 0.59
CA LEU B 312 -26.39 -50.42 0.54
C LEU B 312 -25.32 -50.17 1.61
N PRO B 313 -24.74 -51.25 2.16
CA PRO B 313 -23.79 -51.00 3.25
C PRO B 313 -22.62 -50.12 2.81
N GLU B 314 -22.08 -49.36 3.75
CA GLU B 314 -20.97 -48.45 3.47
C GLU B 314 -19.85 -49.06 2.62
N GLU B 315 -19.44 -50.27 2.96
CA GLU B 315 -18.46 -51.01 2.16
C GLU B 315 -18.81 -50.99 0.67
N TYR B 316 -20.08 -51.25 0.37
CA TYR B 316 -20.53 -51.44 -1.01
C TYR B 316 -20.78 -50.09 -1.70
N ARG B 317 -21.44 -49.19 -0.97
CA ARG B 317 -21.61 -47.82 -1.42
C ARG B 317 -20.30 -47.31 -1.98
N ASP B 318 -19.29 -47.44 -1.15
CA ASP B 318 -17.98 -46.88 -1.37
C ASP B 318 -17.37 -47.42 -2.65
N PHE B 319 -17.32 -48.74 -2.76
CA PHE B 319 -16.79 -49.35 -3.96
C PHE B 319 -17.45 -48.77 -5.19
N TYR B 320 -18.74 -48.51 -5.10
CA TYR B 320 -19.54 -48.11 -6.25
C TYR B 320 -19.60 -46.60 -6.48
N ALA B 321 -19.49 -45.82 -5.41
CA ALA B 321 -19.19 -44.41 -5.56
C ALA B 321 -17.95 -44.27 -6.44
N ARG B 322 -16.93 -45.05 -6.12
CA ARG B 322 -15.65 -44.98 -6.83
C ARG B 322 -15.77 -45.35 -8.32
N ARG B 323 -16.62 -46.33 -8.61
CA ARG B 323 -16.85 -46.71 -9.99
C ARG B 323 -17.46 -45.52 -10.71
N MET B 324 -18.41 -44.88 -10.06
CA MET B 324 -19.12 -43.78 -10.67
C MET B 324 -18.12 -42.70 -11.00
N VAL B 325 -17.46 -42.18 -9.98
CA VAL B 325 -16.46 -41.15 -10.16
C VAL B 325 -15.54 -41.41 -11.33
N LEU B 326 -15.05 -42.64 -11.45
CA LEU B 326 -14.12 -42.96 -12.53
C LEU B 326 -14.86 -42.85 -13.86
N HIS B 327 -16.10 -43.30 -13.85
CA HIS B 327 -16.96 -43.31 -15.03
C HIS B 327 -17.21 -41.88 -15.53
N ILE B 328 -17.66 -41.02 -14.62
CA ILE B 328 -17.83 -39.59 -14.87
C ILE B 328 -16.56 -38.96 -15.42
N GLN B 329 -15.43 -39.22 -14.76
CA GLN B 329 -14.14 -38.71 -15.22
C GLN B 329 -13.87 -39.10 -16.66
N ASP B 330 -14.48 -40.19 -17.11
CA ASP B 330 -14.19 -40.71 -18.44
C ASP B 330 -15.20 -40.36 -19.54
N LYS B 331 -16.48 -40.33 -19.23
CA LYS B 331 -17.47 -39.89 -20.21
C LYS B 331 -17.56 -38.37 -20.31
N ALA B 332 -17.26 -37.65 -19.22
CA ALA B 332 -17.68 -36.26 -19.15
C ALA B 332 -16.64 -35.23 -18.72
N TYR B 333 -15.36 -35.58 -18.81
CA TYR B 333 -14.31 -34.67 -18.35
C TYR B 333 -13.69 -33.80 -19.44
N SER B 334 -13.50 -34.38 -20.63
CA SER B 334 -12.73 -33.77 -21.71
C SER B 334 -11.23 -33.91 -21.47
N LEU C 29 -5.14 58.53 8.53
CA LEU C 29 -5.92 58.73 9.74
C LEU C 29 -5.93 60.19 10.21
N PRO C 30 -6.64 60.48 11.32
CA PRO C 30 -6.66 61.79 11.94
C PRO C 30 -5.92 61.79 13.27
N VAL C 31 -5.10 62.80 13.52
CA VAL C 31 -4.44 62.89 14.81
C VAL C 31 -5.28 63.69 15.77
N PRO C 32 -5.47 63.15 16.98
CA PRO C 32 -6.23 63.72 18.09
C PRO C 32 -5.85 65.16 18.44
N ARG C 33 -6.83 66.05 18.38
CA ARG C 33 -6.66 67.46 18.79
C ARG C 33 -7.20 67.74 20.22
N LEU C 34 -6.30 68.09 21.14
CA LEU C 34 -6.68 68.30 22.53
C LEU C 34 -6.62 69.78 22.83
N GLU C 35 -7.52 70.25 23.70
CA GLU C 35 -7.54 71.65 24.12
C GLU C 35 -7.35 71.69 25.63
N GLY C 36 -6.79 72.79 26.11
CA GLY C 36 -6.42 72.92 27.51
C GLY C 36 -5.86 71.65 28.14
N VAL C 37 -4.80 71.10 27.56
CA VAL C 37 -4.10 70.00 28.24
C VAL C 37 -3.10 70.59 29.24
N SER C 38 -3.29 70.22 30.50
CA SER C 38 -2.42 70.68 31.58
C SER C 38 -1.10 69.99 31.42
N ARG C 39 -0.02 70.70 31.75
CA ARG C 39 1.29 70.09 31.65
C ARG C 39 1.29 68.73 32.35
N GLU C 40 0.52 68.63 33.45
CA GLU C 40 0.43 67.38 34.18
C GLU C 40 -0.32 66.34 33.34
N GLN C 41 -1.42 66.74 32.71
CA GLN C 41 -2.11 65.82 31.83
C GLN C 41 -1.08 65.25 30.85
N PHE C 42 -0.31 66.14 30.22
CA PHE C 42 0.65 65.73 29.22
C PHE C 42 1.69 64.71 29.73
N MET C 43 2.52 65.14 30.68
CA MET C 43 3.56 64.29 31.28
C MET C 43 3.01 62.93 31.66
N GLN C 44 2.02 62.92 32.54
CA GLN C 44 1.44 61.67 33.01
C GLN C 44 0.73 60.96 31.88
N HIS C 45 -0.46 61.44 31.53
CA HIS C 45 -1.35 60.70 30.65
C HIS C 45 -0.95 60.59 29.15
N LEU C 46 -0.38 61.66 28.57
CA LEU C 46 -0.23 61.74 27.12
C LEU C 46 1.12 61.27 26.53
N TYR C 47 2.21 61.85 27.04
CA TYR C 47 3.56 61.54 26.58
C TYR C 47 3.87 60.05 26.44
N PRO C 48 3.60 59.27 27.48
CA PRO C 48 3.85 57.84 27.44
C PRO C 48 3.16 57.23 26.24
N GLN C 49 1.92 57.65 26.00
CA GLN C 49 1.16 57.15 24.86
C GLN C 49 2.01 57.21 23.58
N ARG C 50 3.10 57.98 23.67
CA ARG C 50 4.12 58.00 22.63
C ARG C 50 3.52 58.05 21.23
N LYS C 51 2.45 58.82 21.10
CA LYS C 51 1.73 59.02 19.85
C LYS C 51 1.66 60.51 19.54
N PRO C 52 1.58 60.86 18.26
CA PRO C 52 1.49 62.28 17.96
C PRO C 52 0.09 62.78 18.30
N LEU C 53 0.00 64.06 18.59
CA LEU C 53 -1.27 64.71 18.82
C LEU C 53 -1.02 66.19 18.82
N VAL C 54 -2.04 66.96 18.45
CA VAL C 54 -1.89 68.39 18.38
C VAL C 54 -2.55 69.01 19.61
N LEU C 55 -2.07 70.17 20.03
CA LEU C 55 -2.59 70.85 21.21
C LEU C 55 -3.04 72.27 20.85
N GLU C 56 -4.34 72.52 20.87
CA GLU C 56 -4.85 73.82 20.49
C GLU C 56 -4.78 74.81 21.63
N GLY C 57 -4.83 76.09 21.26
CA GLY C 57 -4.90 77.16 22.24
C GLY C 57 -3.95 77.02 23.40
N ILE C 58 -2.73 76.61 23.13
CA ILE C 58 -1.73 76.63 24.18
C ILE C 58 -1.33 78.08 24.43
N ASP C 59 -1.03 78.42 25.69
CA ASP C 59 -0.61 79.77 25.99
C ASP C 59 0.85 79.97 25.58
N LEU C 60 1.06 80.65 24.46
CA LEU C 60 2.40 80.82 23.93
C LEU C 60 2.96 82.18 24.37
N GLY C 61 2.09 82.98 25.01
CA GLY C 61 2.43 84.35 25.30
C GLY C 61 1.94 85.17 24.12
N PRO C 62 2.34 86.45 24.06
CA PRO C 62 1.94 87.37 22.99
C PRO C 62 2.58 87.12 21.62
N CYS C 63 3.53 86.20 21.54
CA CYS C 63 4.25 85.97 20.28
C CYS C 63 3.28 85.85 19.11
N THR C 64 2.18 85.12 19.31
CA THR C 64 1.29 84.79 18.20
C THR C 64 0.52 85.99 17.63
N SER C 65 0.28 86.99 18.47
CA SER C 65 -0.40 88.19 17.98
C SER C 65 0.60 89.19 17.39
N LYS C 66 1.68 89.43 18.13
CA LYS C 66 2.62 90.50 17.80
C LYS C 66 3.50 90.21 16.58
N TRP C 67 3.82 88.94 16.35
CA TRP C 67 4.90 88.57 15.41
C TRP C 67 4.57 88.63 13.90
N THR C 68 4.19 89.82 13.45
CA THR C 68 3.95 90.14 12.06
C THR C 68 5.28 90.36 11.33
N VAL C 69 5.21 90.43 10.00
CA VAL C 69 6.40 90.60 9.16
C VAL C 69 7.16 91.91 9.43
N ASP C 70 6.41 92.93 9.84
CA ASP C 70 7.01 94.20 10.25
C ASP C 70 7.72 94.05 11.61
N TYR C 71 7.00 93.57 12.62
CA TYR C 71 7.56 93.42 13.98
C TYR C 71 8.79 92.52 14.03
N LEU C 72 8.68 91.33 13.45
CA LEU C 72 9.81 90.41 13.43
C LEU C 72 11.06 91.13 12.88
N SER C 73 10.91 91.79 11.74
CA SER C 73 12.01 92.55 11.14
C SER C 73 12.63 93.48 12.19
N GLN C 74 11.76 94.21 12.89
CA GLN C 74 12.19 95.21 13.87
C GLN C 74 13.04 94.60 15.00
N GLU C 80 20.00 86.34 10.36
CA GLU C 80 21.14 86.74 9.55
C GLU C 80 22.09 85.57 9.38
N VAL C 81 21.51 84.39 9.17
CA VAL C 81 22.29 83.18 8.93
C VAL C 81 21.93 82.52 7.60
N LYS C 82 22.36 81.28 7.43
CA LYS C 82 22.18 80.56 6.17
C LYS C 82 20.70 80.23 5.84
N ILE C 83 20.17 80.91 4.83
CA ILE C 83 18.85 80.61 4.29
C ILE C 83 19.00 79.65 3.10
N HIS C 84 18.02 78.78 2.92
CA HIS C 84 18.01 77.94 1.74
C HIS C 84 16.97 78.46 0.79
N VAL C 85 17.29 78.54 -0.50
CA VAL C 85 16.38 79.03 -1.52
C VAL C 85 15.99 77.91 -2.51
N ALA C 86 14.77 77.40 -2.40
CA ALA C 86 14.27 76.34 -3.28
C ALA C 86 13.37 76.89 -4.39
N ALA C 87 13.81 76.75 -5.63
CA ALA C 87 13.11 77.34 -6.79
C ALA C 87 11.79 76.66 -7.17
N VAL C 88 11.57 75.45 -6.64
CA VAL C 88 10.36 74.69 -6.95
C VAL C 88 9.54 74.25 -5.71
N TYR C 100 22.24 76.40 -1.24
CA TYR C 100 22.57 77.09 0.01
C TYR C 100 22.65 78.60 -0.21
N ARG C 101 22.56 79.36 0.87
CA ARG C 101 22.67 80.83 0.82
C ARG C 101 22.73 81.41 2.24
N THR C 102 23.15 82.67 2.35
CA THR C 102 23.16 83.39 3.63
C THR C 102 22.60 84.80 3.46
N LEU C 103 21.82 85.26 4.44
CA LEU C 103 21.16 86.58 4.37
C LEU C 103 21.09 87.30 5.72
N PRO C 104 20.40 88.45 5.78
CA PRO C 104 20.08 89.12 7.05
C PRO C 104 18.63 88.90 7.49
N PHE C 105 18.42 88.71 8.79
CA PHE C 105 17.14 88.27 9.35
C PHE C 105 15.90 89.02 8.86
N ASP C 106 16.04 90.33 8.69
CA ASP C 106 14.91 91.17 8.31
C ASP C 106 14.46 90.88 6.89
N GLN C 107 15.43 90.81 5.97
CA GLN C 107 15.16 90.67 4.54
C GLN C 107 14.71 89.25 4.16
N LEU C 108 15.20 88.25 4.91
CA LEU C 108 14.80 86.86 4.71
C LEU C 108 13.33 86.65 5.08
N VAL C 109 12.91 87.31 6.16
CA VAL C 109 11.49 87.34 6.54
C VAL C 109 10.67 87.93 5.41
N GLN C 110 11.17 89.06 4.92
CA GLN C 110 10.52 89.82 3.86
C GLN C 110 10.32 89.07 2.53
N ARG C 111 11.32 88.29 2.12
CA ARG C 111 11.22 87.47 0.91
C ARG C 111 10.22 86.32 1.07
N ALA C 112 10.17 85.75 2.27
CA ALA C 112 9.24 84.67 2.56
C ALA C 112 7.81 85.18 2.54
N ALA C 113 7.64 86.40 3.02
CA ALA C 113 6.31 87.01 3.08
C ALA C 113 5.76 87.24 1.68
N GLU C 114 6.64 87.61 0.74
CA GLU C 114 6.21 87.99 -0.59
C GLU C 114 5.94 86.79 -1.51
N GLU C 115 6.60 85.67 -1.22
CA GLU C 115 6.49 84.46 -2.05
C GLU C 115 6.54 84.75 -3.55
N PHE C 120 16.81 88.40 -6.23
CA PHE C 120 16.56 86.98 -6.03
C PHE C 120 17.80 86.11 -6.28
N PHE C 121 17.87 84.98 -5.58
CA PHE C 121 19.02 84.08 -5.63
C PHE C 121 19.09 83.29 -6.95
N VAL C 122 17.97 82.70 -7.36
CA VAL C 122 17.94 81.87 -8.56
C VAL C 122 16.79 82.24 -9.50
N SER C 123 15.56 82.27 -8.97
CA SER C 123 14.40 82.64 -9.77
C SER C 123 13.51 83.57 -8.96
N GLU C 124 12.70 84.35 -9.65
CA GLU C 124 11.89 85.37 -8.99
C GLU C 124 10.80 84.77 -8.10
N ASP C 125 10.53 83.48 -8.29
CA ASP C 125 9.48 82.80 -7.53
C ASP C 125 10.06 81.91 -6.44
N GLU C 126 11.39 81.97 -6.30
CA GLU C 126 12.12 81.15 -5.34
C GLU C 126 11.48 81.18 -3.97
N LYS C 127 11.32 80.00 -3.36
CA LYS C 127 10.82 79.91 -1.99
C LYS C 127 12.00 79.86 -1.01
N TYR C 128 11.78 80.30 0.23
CA TYR C 128 12.84 80.27 1.25
C TYR C 128 12.42 79.40 2.43
N TYR C 129 13.39 78.95 3.22
CA TYR C 129 13.10 78.07 4.36
C TYR C 129 14.22 78.05 5.39
N LEU C 130 14.20 79.01 6.31
CA LEU C 130 15.24 79.16 7.33
C LEU C 130 15.11 78.24 8.56
N ARG C 131 16.09 77.35 8.72
CA ARG C 131 16.19 76.52 9.92
C ARG C 131 17.28 77.08 10.85
N SER C 132 16.84 77.83 11.85
CA SER C 132 17.74 78.42 12.84
C SER C 132 18.89 77.47 13.23
N LEU C 133 20.09 78.03 13.37
CA LEU C 133 21.28 77.28 13.81
C LEU C 133 21.99 78.01 14.96
N GLY C 134 22.78 77.27 15.74
CA GLY C 134 23.60 77.88 16.77
C GLY C 134 24.70 78.66 16.08
N GLU C 135 25.38 79.54 16.81
CA GLU C 135 26.41 80.36 16.20
C GLU C 135 27.36 79.48 15.39
N ASP C 136 27.99 78.51 16.06
CA ASP C 136 28.85 77.52 15.41
C ASP C 136 28.15 76.17 15.28
N PRO C 137 27.52 75.92 14.11
CA PRO C 137 26.78 74.69 13.79
C PRO C 137 27.43 73.37 14.24
N ARG C 138 28.62 73.05 13.73
CA ARG C 138 29.30 71.80 14.11
C ARG C 138 29.37 71.61 15.64
N LYS C 139 29.22 72.69 16.39
CA LYS C 139 29.40 72.66 17.84
C LYS C 139 28.11 72.91 18.63
N ASP C 140 27.58 74.12 18.54
CA ASP C 140 26.44 74.52 19.36
C ASP C 140 25.10 74.12 18.74
N VAL C 141 24.21 73.59 19.56
CA VAL C 141 22.83 73.33 19.14
C VAL C 141 22.09 74.67 19.04
N ALA C 142 20.97 74.68 18.32
CA ALA C 142 20.17 75.89 18.18
C ALA C 142 19.34 76.16 19.45
N ASP C 143 19.45 77.39 19.97
CA ASP C 143 18.67 77.78 21.15
C ASP C 143 18.09 79.16 20.93
N ILE C 144 16.76 79.22 20.82
CA ILE C 144 16.07 80.49 20.65
C ILE C 144 16.58 81.53 21.65
N ARG C 145 16.65 81.11 22.93
CA ARG C 145 17.03 81.99 24.04
C ARG C 145 18.38 82.71 23.86
N LYS C 146 19.35 82.03 23.25
CA LYS C 146 20.66 82.62 23.02
C LYS C 146 20.73 83.37 21.68
N GLN C 147 20.22 82.74 20.62
CA GLN C 147 20.20 83.37 19.30
C GLN C 147 19.28 84.60 19.24
N PHE C 148 18.06 84.48 19.74
CA PHE C 148 17.11 85.60 19.71
C PHE C 148 16.54 85.95 21.09
N PRO C 149 17.33 86.67 21.90
CA PRO C 149 16.96 87.04 23.28
C PRO C 149 15.67 87.83 23.37
N LEU C 150 15.50 88.81 22.49
CA LEU C 150 14.35 89.70 22.54
C LEU C 150 13.03 88.97 22.32
N LEU C 151 12.80 88.52 21.09
CA LEU C 151 11.51 87.91 20.77
C LEU C 151 11.28 86.66 21.61
N LYS C 152 12.32 86.17 22.27
CA LYS C 152 12.15 85.10 23.24
C LYS C 152 11.14 85.52 24.32
N GLY C 153 11.32 86.72 24.84
CA GLY C 153 10.44 87.25 25.87
C GLY C 153 8.98 87.12 25.49
N ASP C 154 8.70 87.14 24.20
CA ASP C 154 7.33 87.14 23.67
C ASP C 154 6.70 85.75 23.70
N ILE C 155 7.50 84.70 23.55
CA ILE C 155 6.98 83.33 23.51
C ILE C 155 7.40 82.47 24.71
N LYS C 156 6.44 81.75 25.27
CA LYS C 156 6.63 81.01 26.51
C LYS C 156 6.66 79.51 26.26
N PHE C 157 7.87 78.95 26.16
CA PHE C 157 8.02 77.53 25.88
C PHE C 157 7.15 76.67 26.79
N PRO C 158 6.29 75.84 26.19
CA PRO C 158 5.52 74.92 27.02
C PRO C 158 6.49 74.00 27.75
N GLU C 159 6.25 73.81 29.05
CA GLU C 159 7.07 72.90 29.85
C GLU C 159 6.44 71.53 29.82
N PHE C 160 6.83 70.74 28.82
CA PHE C 160 6.35 69.36 28.73
C PHE C 160 7.54 68.43 28.90
N PHE C 161 8.56 68.91 29.61
CA PHE C 161 9.76 68.10 29.86
C PHE C 161 10.67 68.70 30.94
N LYS C 162 11.44 67.83 31.59
CA LYS C 162 12.39 68.24 32.63
C LYS C 162 13.60 68.94 32.00
N GLU C 163 13.98 70.07 32.56
CA GLU C 163 14.97 70.98 31.96
C GLU C 163 16.26 70.28 31.53
N GLU C 164 16.78 69.40 32.39
CA GLU C 164 17.96 68.63 32.03
C GLU C 164 17.80 67.97 30.66
N GLN C 165 16.57 67.60 30.31
CA GLN C 165 16.24 66.91 29.06
C GLN C 165 16.23 67.84 27.86
N PHE C 166 16.03 69.13 28.11
CA PHE C 166 16.07 70.10 27.04
C PHE C 166 17.25 69.87 26.08
N PHE C 167 16.98 69.95 24.78
CA PHE C 167 18.00 69.70 23.78
C PHE C 167 18.30 70.89 22.87
N SER C 168 17.26 71.47 22.26
CA SER C 168 17.44 72.48 21.22
C SER C 168 16.17 73.32 21.07
N SER C 169 16.27 74.52 20.51
CA SER C 169 15.05 75.31 20.19
C SER C 169 15.20 76.15 18.91
N VAL C 170 14.43 75.80 17.87
CA VAL C 170 14.70 76.30 16.52
C VAL C 170 13.65 77.26 15.93
N PHE C 171 14.09 78.12 15.01
CA PHE C 171 13.24 79.02 14.22
C PHE C 171 12.86 78.44 12.85
N ARG C 172 11.56 78.23 12.61
CA ARG C 172 11.14 77.57 11.38
C ARG C 172 10.31 78.47 10.47
N ILE C 173 10.94 78.98 9.41
CA ILE C 173 10.28 79.94 8.54
C ILE C 173 10.34 79.53 7.07
N SER C 174 9.19 79.22 6.48
CA SER C 174 9.15 78.79 5.10
C SER C 174 8.22 79.63 4.28
N SER C 175 8.61 79.88 3.03
CA SER C 175 7.69 80.45 2.07
C SER C 175 6.49 79.52 2.02
N PRO C 176 5.34 80.05 1.59
CA PRO C 176 4.13 79.24 1.44
C PRO C 176 4.19 78.42 0.16
N GLY C 177 3.58 77.23 0.18
CA GLY C 177 3.65 76.31 -0.94
C GLY C 177 4.97 75.54 -0.96
N LEU C 178 5.87 75.87 -0.03
CA LEU C 178 7.20 75.25 0.02
C LEU C 178 7.17 74.05 0.96
N TRP C 181 10.59 67.59 2.99
CA TRP C 181 10.57 66.15 2.77
C TRP C 181 10.40 65.32 4.05
N THR C 182 9.73 64.17 3.94
CA THR C 182 9.52 63.27 5.06
C THR C 182 10.83 62.86 5.71
N HIS C 183 10.96 63.15 7.00
CA HIS C 183 12.10 62.68 7.77
C HIS C 183 11.69 62.34 9.19
N TYR C 184 12.66 61.93 9.99
CA TYR C 184 12.40 61.69 11.40
C TYR C 184 13.55 62.24 12.21
N ASP C 185 13.33 62.33 13.52
CA ASP C 185 14.34 62.86 14.39
C ASP C 185 14.51 61.92 15.57
N VAL C 186 15.69 61.94 16.15
CA VAL C 186 16.01 61.15 17.32
C VAL C 186 15.32 61.75 18.53
N MET C 187 15.13 63.07 18.46
CA MET C 187 14.52 63.81 19.56
C MET C 187 13.03 63.91 19.41
N ASP C 188 12.34 63.84 20.53
CA ASP C 188 10.96 64.27 20.60
C ASP C 188 10.94 65.76 20.36
N ASN C 189 9.89 66.26 19.70
CA ASN C 189 9.76 67.70 19.49
C ASN C 189 8.33 68.23 19.47
N LEU C 190 8.07 69.26 20.27
CA LEU C 190 6.82 69.97 20.21
C LEU C 190 6.98 71.02 19.13
N LEU C 191 6.41 70.78 17.96
CA LEU C 191 6.44 71.78 16.89
C LEU C 191 5.33 72.82 17.05
N ILE C 192 5.73 74.03 17.45
CA ILE C 192 4.82 75.15 17.67
C ILE C 192 4.73 76.05 16.45
N GLN C 193 3.52 76.42 16.07
CA GLN C 193 3.33 77.36 14.97
C GLN C 193 2.71 78.65 15.49
N VAL C 194 3.35 79.80 15.22
CA VAL C 194 2.85 81.08 15.70
C VAL C 194 2.10 81.87 14.61
N THR C 195 2.31 81.48 13.36
CA THR C 195 1.76 82.21 12.22
C THR C 195 1.19 81.30 11.12
N GLY C 196 0.33 81.88 10.28
CA GLY C 196 -0.24 81.19 9.13
C GLY C 196 -0.74 79.80 9.43
N LYS C 197 -0.76 78.96 8.40
CA LYS C 197 -1.13 77.56 8.53
C LYS C 197 0.02 76.67 8.02
N LYS C 198 0.01 75.40 8.45
CA LYS C 198 0.88 74.37 7.86
C LYS C 198 0.20 73.00 7.93
N ARG C 199 0.43 72.15 6.95
CA ARG C 199 -0.10 70.78 7.00
C ARG C 199 1.00 69.80 7.43
N VAL C 200 0.60 68.62 7.91
CA VAL C 200 1.55 67.63 8.39
C VAL C 200 1.03 66.20 8.20
N VAL C 201 1.81 65.40 7.48
CA VAL C 201 1.48 63.99 7.27
C VAL C 201 2.47 63.15 8.05
N LEU C 202 1.97 62.09 8.69
CA LEU C 202 2.79 61.32 9.62
C LEU C 202 2.63 59.83 9.42
N PHE C 203 3.70 59.09 9.70
CA PHE C 203 3.72 57.66 9.47
C PHE C 203 4.28 56.95 10.67
N SER C 204 3.55 55.94 11.15
CA SER C 204 4.06 55.13 12.25
C SER C 204 5.50 54.74 11.95
N PRO C 205 6.35 54.73 12.98
CA PRO C 205 7.75 54.31 12.80
C PRO C 205 7.90 52.88 12.29
N ARG C 206 6.81 52.11 12.34
CA ARG C 206 6.83 50.68 12.05
C ARG C 206 6.64 50.50 10.55
N ASP C 207 6.25 51.60 9.90
CA ASP C 207 6.08 51.60 8.47
C ASP C 207 7.35 52.13 7.80
N ALA C 208 8.50 51.75 8.35
CA ALA C 208 9.80 52.24 7.88
C ALA C 208 10.17 51.74 6.46
N GLN C 209 9.87 50.48 6.21
CA GLN C 209 10.22 49.83 4.94
C GLN C 209 9.51 50.42 3.73
N TYR C 210 8.29 50.92 3.97
CA TYR C 210 7.44 51.49 2.92
C TYR C 210 7.88 52.90 2.51
N LEU C 211 8.90 53.41 3.20
CA LEU C 211 9.35 54.78 2.97
C LEU C 211 10.60 54.90 2.13
N TYR C 212 11.28 53.78 1.88
CA TYR C 212 12.38 53.83 0.94
C TYR C 212 13.33 54.89 1.46
N LEU C 213 13.80 54.70 2.68
CA LEU C 213 14.57 55.74 3.37
C LEU C 213 15.99 55.96 2.81
N LYS C 214 16.46 57.20 2.93
CA LYS C 214 17.83 57.51 2.56
C LYS C 214 18.44 58.40 3.65
N GLY C 215 19.12 57.78 4.61
CA GLY C 215 19.50 58.46 5.83
C GLY C 215 18.26 58.73 6.67
N THR C 216 18.11 59.95 7.18
CA THR C 216 16.88 60.34 7.89
C THR C 216 15.71 60.71 6.94
N LYS C 217 16.01 61.04 5.70
CA LYS C 217 14.97 61.41 4.75
C LYS C 217 14.44 60.16 4.00
N SER C 218 13.38 60.34 3.23
CA SER C 218 12.89 59.27 2.37
C SER C 218 12.70 59.81 0.97
N GLU C 219 13.16 59.04 -0.01
CA GLU C 219 13.12 59.48 -1.42
C GLU C 219 11.74 59.91 -1.92
N VAL C 220 10.68 59.34 -1.36
CA VAL C 220 9.31 59.64 -1.80
C VAL C 220 8.90 61.09 -1.48
N LEU C 221 8.96 61.94 -2.50
CA LEU C 221 8.73 63.39 -2.36
C LEU C 221 7.27 63.82 -2.53
N ASN C 222 6.70 63.44 -3.67
CA ASN C 222 5.31 63.70 -4.00
C ASN C 222 4.40 62.73 -3.27
N ILE C 223 4.14 62.98 -1.99
CA ILE C 223 3.41 62.05 -1.13
C ILE C 223 1.89 62.06 -1.34
N ASP C 224 1.41 63.08 -2.04
CA ASP C 224 -0.02 63.25 -2.31
C ASP C 224 -0.43 62.53 -3.60
N ASN C 225 0.54 62.32 -4.48
CA ASN C 225 0.35 61.55 -5.69
C ASN C 225 1.65 60.83 -6.08
N PRO C 226 2.10 59.92 -5.21
CA PRO C 226 3.40 59.22 -5.25
C PRO C 226 3.62 58.25 -6.45
N ASP C 227 4.70 58.46 -7.22
CA ASP C 227 5.04 57.56 -8.32
C ASP C 227 5.20 56.11 -7.87
N LEU C 228 4.07 55.39 -7.81
CA LEU C 228 4.01 54.01 -7.30
C LEU C 228 4.70 52.97 -8.19
N ALA C 229 5.02 53.34 -9.43
CA ALA C 229 5.85 52.48 -10.26
C ALA C 229 7.22 52.45 -9.61
N LYS C 230 7.60 53.59 -9.05
CA LYS C 230 8.91 53.75 -8.43
C LYS C 230 8.88 53.42 -6.93
N TYR C 231 7.70 53.55 -6.32
CA TYR C 231 7.55 53.20 -4.92
C TYR C 231 6.26 52.39 -4.70
N PRO C 232 6.23 51.14 -5.19
CA PRO C 232 4.99 50.35 -5.07
C PRO C 232 4.63 50.09 -3.62
N LEU C 233 5.60 50.31 -2.73
CA LEU C 233 5.46 50.01 -1.30
C LEU C 233 5.02 51.22 -0.47
N PHE C 234 5.15 52.42 -1.03
CA PHE C 234 4.60 53.63 -0.40
C PHE C 234 3.13 53.39 -0.08
N SER C 235 2.66 52.18 -0.41
CA SER C 235 1.25 51.81 -0.43
C SER C 235 0.66 51.45 0.93
N LYS C 236 1.18 50.39 1.55
CA LYS C 236 0.60 49.92 2.80
C LYS C 236 0.90 50.86 3.98
N ALA C 237 1.46 52.02 3.66
CA ALA C 237 1.85 53.00 4.67
C ALA C 237 0.66 53.83 5.17
N ARG C 238 0.18 53.52 6.37
CA ARG C 238 -0.90 54.30 6.96
C ARG C 238 -0.39 55.70 7.32
N ARG C 239 -0.76 56.66 6.47
CA ARG C 239 -0.48 58.07 6.75
C ARG C 239 -1.38 58.61 7.86
N TYR C 240 -0.97 59.72 8.46
CA TYR C 240 -1.83 60.45 9.40
C TYR C 240 -1.93 61.88 8.91
N GLU C 241 -3.07 62.50 9.19
CA GLU C 241 -3.32 63.84 8.69
C GLU C 241 -3.71 64.82 9.79
N CYS C 242 -3.15 66.02 9.71
CA CYS C 242 -3.61 67.11 10.56
C CYS C 242 -3.25 68.46 9.92
N SER C 243 -3.72 69.53 10.55
CA SER C 243 -3.50 70.87 10.04
C SER C 243 -3.37 71.81 11.21
N LEU C 244 -2.35 72.66 11.17
CA LEU C 244 -2.09 73.58 12.27
C LEU C 244 -2.43 75.02 11.92
N GLU C 245 -3.36 75.61 12.67
CA GLU C 245 -3.62 77.04 12.58
C GLU C 245 -2.91 77.78 13.71
N ALA C 246 -2.64 79.07 13.50
CA ALA C 246 -1.87 79.87 14.43
C ALA C 246 -2.22 79.55 15.88
N GLY C 247 -1.22 79.20 16.67
CA GLY C 247 -1.43 78.81 18.06
C GLY C 247 -1.43 77.32 18.30
N ASP C 248 -1.49 76.55 17.21
CA ASP C 248 -1.43 75.10 17.31
C ASP C 248 -0.02 74.56 17.53
N VAL C 249 0.07 73.41 18.17
CA VAL C 249 1.34 72.81 18.45
C VAL C 249 1.17 71.33 18.18
N LEU C 250 2.16 70.74 17.53
CA LEU C 250 2.08 69.34 17.24
C LEU C 250 3.20 68.60 17.93
N PHE C 251 2.83 67.52 18.62
CA PHE C 251 3.80 66.68 19.28
C PHE C 251 4.13 65.53 18.35
N ILE C 252 5.40 65.40 18.03
CA ILE C 252 5.85 64.29 17.22
C ILE C 252 6.82 63.47 18.03
N PRO C 253 6.46 62.22 18.32
CA PRO C 253 7.34 61.34 19.07
C PRO C 253 8.55 61.03 18.21
N ALA C 254 9.71 60.80 18.84
CA ALA C 254 10.90 60.44 18.09
C ALA C 254 10.60 59.28 17.14
N LEU C 255 11.29 59.26 16.01
CA LEU C 255 11.22 58.18 15.02
C LEU C 255 9.98 58.25 14.14
N TRP C 256 9.08 59.16 14.42
CA TRP C 256 7.88 59.31 13.58
C TRP C 256 8.23 60.16 12.36
N PHE C 257 7.77 59.72 11.19
CA PHE C 257 8.06 60.42 9.95
C PHE C 257 7.10 61.57 9.73
N HIS C 258 7.63 62.78 9.73
CA HIS C 258 6.80 63.95 9.47
C HIS C 258 7.12 64.61 8.14
N ASN C 259 6.07 64.95 7.41
CA ASN C 259 6.22 65.85 6.28
C ASN C 259 5.38 67.11 6.47
N VAL C 260 6.09 68.24 6.57
CA VAL C 260 5.48 69.52 6.88
C VAL C 260 5.45 70.44 5.64
N ILE C 261 4.25 70.86 5.24
CA ILE C 261 4.11 71.83 4.15
C ILE C 261 3.47 73.12 4.67
N SER C 262 4.08 74.26 4.34
CA SER C 262 3.56 75.53 4.83
C SER C 262 2.49 76.09 3.89
N GLU C 263 1.23 75.80 4.21
CA GLU C 263 0.11 76.17 3.36
C GLU C 263 0.00 77.69 3.20
N GLU C 264 0.62 78.42 4.13
CA GLU C 264 0.70 79.87 4.03
C GLU C 264 2.08 80.30 4.47
N PHE C 265 2.26 81.61 4.54
CA PHE C 265 3.42 82.17 5.23
C PHE C 265 3.17 82.01 6.72
N GLY C 266 4.10 81.37 7.42
CA GLY C 266 3.95 81.16 8.84
C GLY C 266 5.25 81.25 9.60
N VAL C 267 5.19 81.64 10.87
CA VAL C 267 6.36 81.58 11.76
C VAL C 267 6.23 80.42 12.74
N GLY C 268 7.24 79.56 12.75
CA GLY C 268 7.20 78.36 13.58
C GLY C 268 8.42 78.29 14.46
N VAL C 269 8.27 77.65 15.61
CA VAL C 269 9.39 77.46 16.53
C VAL C 269 9.24 76.08 17.16
N ASN C 270 10.26 75.24 17.07
CA ASN C 270 10.13 73.92 17.67
C ASN C 270 11.15 73.64 18.75
N ILE C 271 10.76 72.78 19.69
CA ILE C 271 11.61 72.37 20.80
C ILE C 271 11.93 70.86 20.75
N PHE C 272 13.21 70.52 20.77
CA PHE C 272 13.67 69.13 20.79
C PHE C 272 14.11 68.73 22.17
N TRP C 273 13.82 67.51 22.60
CA TRP C 273 14.45 67.01 23.81
C TRP C 273 14.74 65.50 23.84
N LYS C 274 15.47 65.10 24.87
CA LYS C 274 15.88 63.73 25.05
C LYS C 274 14.76 62.92 25.70
N HIS C 275 14.15 62.03 24.93
CA HIS C 275 13.21 61.04 25.47
C HIS C 275 14.00 60.12 26.39
N LEU C 276 15.27 59.95 26.04
CA LEU C 276 16.18 59.06 26.73
C LEU C 276 17.13 59.86 27.62
N PRO C 277 17.96 59.15 28.40
CA PRO C 277 19.10 59.74 29.13
C PRO C 277 20.18 60.22 28.15
N SER C 278 20.69 61.43 28.37
CA SER C 278 21.60 62.09 27.42
C SER C 278 22.74 61.22 26.92
N GLU C 279 23.04 60.16 27.68
CA GLU C 279 24.14 59.25 27.38
C GLU C 279 23.86 58.34 26.18
N CYS C 280 22.57 58.12 25.90
CA CYS C 280 22.13 57.33 24.77
C CYS C 280 22.39 58.04 23.45
N TYR C 281 22.57 59.35 23.52
CA TYR C 281 22.72 60.20 22.35
C TYR C 281 24.19 60.40 22.02
N ASP C 282 24.51 60.49 20.73
CA ASP C 282 25.90 60.78 20.37
C ASP C 282 26.17 62.28 20.49
N LYS C 283 27.37 62.61 20.97
CA LYS C 283 27.72 63.99 21.31
C LYS C 283 27.99 64.89 20.10
N THR C 284 28.15 64.29 18.92
CA THR C 284 28.45 65.05 17.71
C THR C 284 27.17 65.62 17.10
N ASP C 285 26.06 65.34 17.76
CA ASP C 285 24.76 65.69 17.24
C ASP C 285 24.29 67.01 17.78
N THR C 286 24.07 67.97 16.88
CA THR C 286 23.44 69.24 17.25
C THR C 286 22.06 69.45 16.60
N TYR C 287 21.76 68.69 15.55
CA TYR C 287 20.49 68.85 14.88
C TYR C 287 19.40 68.05 15.59
N GLY C 288 19.74 66.83 15.98
CA GLY C 288 18.73 65.89 16.45
C GLY C 288 18.45 64.88 15.34
N ASN C 289 19.46 64.67 14.50
CA ASN C 289 19.38 63.78 13.34
C ASN C 289 20.25 62.52 13.46
N LYS C 290 21.40 62.62 14.14
CA LYS C 290 22.32 61.49 14.29
C LYS C 290 21.71 60.37 15.15
N ASP C 291 21.88 59.13 14.71
CA ASP C 291 21.39 57.97 15.45
C ASP C 291 22.03 57.89 16.82
N PRO C 292 21.32 57.33 17.80
CA PRO C 292 21.93 57.05 19.11
C PRO C 292 23.21 56.24 18.95
N THR C 293 24.20 56.47 19.80
CA THR C 293 25.47 55.76 19.68
C THR C 293 25.27 54.23 19.63
N ALA C 294 24.48 53.73 20.57
CA ALA C 294 24.19 52.30 20.67
C ALA C 294 23.52 51.75 19.42
N ALA C 295 22.78 52.61 18.73
CA ALA C 295 22.10 52.20 17.51
C ALA C 295 23.07 52.26 16.36
N SER C 296 24.02 53.19 16.43
CA SER C 296 24.97 53.35 15.33
C SER C 296 26.05 52.27 15.41
N ARG C 297 26.30 51.80 16.63
CA ARG C 297 27.26 50.76 16.86
C ARG C 297 26.67 49.44 16.35
N ALA C 298 25.46 49.14 16.80
CA ALA C 298 24.75 47.97 16.32
C ALA C 298 24.88 47.88 14.81
N ALA C 299 24.91 49.03 14.14
CA ALA C 299 24.97 49.04 12.69
C ALA C 299 26.36 48.70 12.19
N GLN C 300 27.39 49.28 12.81
CA GLN C 300 28.78 49.02 12.42
C GLN C 300 29.06 47.52 12.51
N ILE C 301 28.94 46.97 13.71
CA ILE C 301 28.94 45.52 13.94
C ILE C 301 28.31 44.77 12.76
N LEU C 302 27.02 45.00 12.54
CA LEU C 302 26.26 44.27 11.54
C LEU C 302 26.87 44.35 10.14
N ASP C 303 27.66 45.39 9.90
CA ASP C 303 28.36 45.50 8.62
C ASP C 303 29.57 44.58 8.57
N ARG C 304 30.03 44.15 9.74
CA ARG C 304 31.06 43.14 9.80
C ARG C 304 30.42 41.79 9.45
N ALA C 305 29.36 41.44 10.18
CA ALA C 305 28.59 40.22 9.88
C ALA C 305 28.37 40.02 8.39
N LEU C 306 28.04 41.10 7.70
CA LEU C 306 27.79 41.06 6.26
C LEU C 306 29.06 40.87 5.45
N LYS C 307 30.15 41.50 5.89
CA LYS C 307 31.42 41.32 5.25
C LYS C 307 31.81 39.86 5.38
N THR C 308 31.82 39.37 6.62
CA THR C 308 32.26 38.01 6.85
C THR C 308 31.41 37.04 6.01
N LEU C 309 30.11 37.04 6.27
CA LEU C 309 29.18 36.22 5.51
C LEU C 309 29.47 36.43 4.03
N ALA C 310 29.72 37.68 3.66
CA ALA C 310 29.93 38.03 2.25
C ALA C 310 30.93 37.11 1.59
N GLU C 311 31.81 36.55 2.40
CA GLU C 311 32.87 35.66 1.93
C GLU C 311 32.35 34.44 1.16
N LEU C 312 31.04 34.25 1.15
CA LEU C 312 30.47 33.11 0.44
C LEU C 312 29.68 33.52 -0.81
N PRO C 313 29.40 32.54 -1.67
CA PRO C 313 28.64 32.72 -2.92
C PRO C 313 27.23 33.25 -2.68
N GLU C 314 26.70 33.97 -3.67
CA GLU C 314 25.30 34.39 -3.70
C GLU C 314 24.42 33.40 -2.93
N GLU C 315 24.15 32.24 -3.53
CA GLU C 315 23.25 31.25 -2.94
C GLU C 315 23.39 31.19 -1.42
N TYR C 316 24.62 31.11 -0.93
CA TYR C 316 24.84 30.89 0.49
C TYR C 316 24.62 32.16 1.27
N ARG C 317 25.34 33.21 0.86
CA ARG C 317 25.17 34.52 1.46
C ARG C 317 23.68 34.76 1.64
N ASP C 318 22.92 34.52 0.58
CA ASP C 318 21.49 34.78 0.58
C ASP C 318 20.78 34.01 1.65
N PHE C 319 20.86 32.69 1.55
CA PHE C 319 20.21 31.83 2.52
C PHE C 319 20.51 32.18 3.97
N TYR C 320 21.74 32.57 4.25
CA TYR C 320 22.09 32.86 5.63
C TYR C 320 21.62 34.23 6.05
N ALA C 321 21.65 35.16 5.10
CA ALA C 321 21.05 36.47 5.28
C ALA C 321 19.60 36.33 5.68
N ARG C 322 18.90 35.45 4.99
CA ARG C 322 17.50 35.22 5.29
C ARG C 322 17.41 34.70 6.72
N ARG C 323 18.34 33.82 7.08
CA ARG C 323 18.38 33.31 8.43
C ARG C 323 18.48 34.46 9.40
N MET C 324 19.45 35.35 9.19
CA MET C 324 19.59 36.52 10.03
C MET C 324 18.34 37.37 10.20
N VAL C 325 17.71 37.78 9.10
CA VAL C 325 16.57 38.67 9.25
C VAL C 325 15.45 37.94 10.00
N LEU C 326 15.36 36.62 9.81
CA LEU C 326 14.36 35.86 10.57
C LEU C 326 14.62 36.07 12.06
N HIS C 327 15.87 35.86 12.42
CA HIS C 327 16.31 35.96 13.80
C HIS C 327 16.04 37.31 14.39
N ILE C 328 16.34 38.35 13.60
CA ILE C 328 16.23 39.69 14.10
C ILE C 328 14.79 39.97 14.42
N GLN C 329 13.90 39.69 13.48
CA GLN C 329 12.47 39.95 13.71
C GLN C 329 11.97 39.19 14.91
N ASP C 330 12.34 37.91 14.99
CA ASP C 330 11.97 37.09 16.13
C ASP C 330 12.39 37.79 17.41
N LYS C 331 13.69 38.05 17.53
CA LYS C 331 14.26 38.59 18.76
C LYS C 331 13.99 40.09 19.03
N ALA C 332 14.25 40.97 18.07
CA ALA C 332 14.33 42.41 18.35
C ALA C 332 13.12 43.26 17.97
N TYR C 333 12.18 42.70 17.22
CA TYR C 333 11.07 43.50 16.73
C TYR C 333 10.09 43.96 17.81
N SER C 334 9.68 43.05 18.69
CA SER C 334 8.67 43.35 19.74
C SER C 334 7.25 43.07 19.26
N GLN D 27 1.93 25.53 -6.26
CA GLN D 27 3.17 25.41 -5.50
C GLN D 27 3.37 24.00 -4.95
N HIS D 28 3.03 23.02 -5.78
CA HIS D 28 3.24 21.63 -5.44
C HIS D 28 3.88 21.02 -6.68
N LEU D 29 5.19 21.17 -6.80
CA LEU D 29 5.86 20.85 -8.05
C LEU D 29 6.50 19.49 -8.02
N PRO D 30 6.60 18.86 -9.19
CA PRO D 30 7.38 17.63 -9.31
C PRO D 30 8.86 18.01 -9.43
N VAL D 31 9.72 17.11 -9.01
CA VAL D 31 11.15 17.32 -9.15
C VAL D 31 11.52 16.68 -10.47
N PRO D 32 12.20 17.43 -11.34
CA PRO D 32 12.43 16.94 -12.71
C PRO D 32 13.13 15.60 -12.70
N ARG D 33 12.76 14.70 -13.61
CA ARG D 33 13.36 13.39 -13.69
C ARG D 33 14.02 13.18 -15.04
N LEU D 34 15.23 12.62 -15.03
CA LEU D 34 15.99 12.46 -16.26
C LEU D 34 16.65 11.10 -16.37
N GLU D 35 16.48 10.48 -17.53
CA GLU D 35 17.08 9.18 -17.79
C GLU D 35 18.27 9.41 -18.73
N GLY D 36 19.29 8.56 -18.61
CA GLY D 36 20.44 8.60 -19.49
C GLY D 36 21.27 9.87 -19.42
N VAL D 37 21.41 10.42 -18.23
CA VAL D 37 22.20 11.63 -18.08
C VAL D 37 23.68 11.25 -17.90
N SER D 38 24.53 11.94 -18.65
CA SER D 38 25.94 11.60 -18.62
C SER D 38 26.68 12.45 -17.60
N ARG D 39 27.78 11.88 -17.13
CA ARG D 39 28.66 12.52 -16.20
C ARG D 39 28.85 14.01 -16.56
N GLU D 40 29.26 14.28 -17.79
CA GLU D 40 29.56 15.64 -18.20
C GLU D 40 28.30 16.49 -18.13
N GLN D 41 27.22 15.96 -18.68
CA GLN D 41 25.95 16.65 -18.63
C GLN D 41 25.63 17.03 -17.21
N PHE D 42 25.59 16.06 -16.32
CA PHE D 42 25.28 16.39 -14.93
C PHE D 42 26.22 17.45 -14.40
N MET D 43 27.51 17.17 -14.51
CA MET D 43 28.51 18.03 -13.91
C MET D 43 28.58 19.44 -14.54
N GLN D 44 28.71 19.52 -15.85
CA GLN D 44 28.92 20.84 -16.45
C GLN D 44 27.60 21.59 -16.69
N HIS D 45 26.50 20.85 -16.81
CA HIS D 45 25.22 21.45 -17.18
C HIS D 45 24.24 21.52 -16.00
N LEU D 46 23.82 20.35 -15.54
CA LEU D 46 22.78 20.25 -14.53
C LEU D 46 23.22 20.74 -13.16
N TYR D 47 24.32 20.21 -12.66
CA TYR D 47 24.80 20.50 -11.31
C TYR D 47 24.81 21.98 -10.96
N PRO D 48 25.37 22.82 -11.85
CA PRO D 48 25.47 24.27 -11.56
C PRO D 48 24.11 24.97 -11.44
N GLN D 49 23.03 24.25 -11.68
CA GLN D 49 21.73 24.88 -11.60
C GLN D 49 21.26 24.96 -10.16
N ARG D 50 21.89 24.20 -9.27
CA ARG D 50 21.61 24.28 -7.84
C ARG D 50 20.18 23.87 -7.48
N LYS D 51 19.58 23.00 -8.30
CA LYS D 51 18.21 22.57 -8.01
C LYS D 51 18.13 21.05 -7.88
N PRO D 52 17.11 20.57 -7.15
CA PRO D 52 17.00 19.13 -6.87
C PRO D 52 16.68 18.42 -8.16
N LEU D 53 17.06 17.15 -8.28
CA LEU D 53 17.01 16.43 -9.53
C LEU D 53 16.96 14.89 -9.36
N VAL D 54 15.99 14.20 -9.96
CA VAL D 54 16.11 12.75 -9.90
C VAL D 54 16.59 12.11 -11.20
N LEU D 55 17.75 11.46 -11.09
CA LEU D 55 18.36 10.78 -12.21
C LEU D 55 17.97 9.31 -12.22
N GLU D 56 17.49 8.88 -13.37
CA GLU D 56 16.98 7.54 -13.57
C GLU D 56 17.89 6.70 -14.42
N GLY D 57 17.82 5.39 -14.20
CA GLY D 57 18.58 4.41 -14.95
C GLY D 57 20.10 4.48 -14.87
N ILE D 58 20.64 5.11 -13.83
CA ILE D 58 22.07 4.99 -13.60
C ILE D 58 22.45 3.58 -13.19
N ASP D 59 23.63 3.16 -13.67
CA ASP D 59 24.25 1.91 -13.31
C ASP D 59 24.91 2.01 -11.94
N LEU D 60 24.26 1.42 -10.97
CA LEU D 60 24.69 1.49 -9.58
C LEU D 60 25.38 0.17 -9.24
N GLY D 61 25.58 -0.65 -10.25
CA GLY D 61 26.11 -1.97 -10.00
C GLY D 61 25.02 -2.87 -9.47
N PRO D 62 25.40 -4.05 -8.95
CA PRO D 62 24.43 -5.11 -8.63
C PRO D 62 23.58 -4.82 -7.39
N CYS D 63 24.04 -3.93 -6.51
CA CYS D 63 23.40 -3.72 -5.20
C CYS D 63 21.91 -3.82 -5.41
N THR D 64 21.53 -3.07 -6.43
CA THR D 64 20.18 -2.76 -6.79
C THR D 64 19.38 -4.00 -7.08
N SER D 65 20.07 -5.10 -7.38
CA SER D 65 19.38 -6.33 -7.67
C SER D 65 19.77 -7.41 -6.68
N LYS D 66 20.83 -7.18 -5.91
CA LYS D 66 21.20 -8.12 -4.84
C LYS D 66 20.61 -7.82 -3.45
N TRP D 67 20.34 -6.56 -3.13
CA TRP D 67 20.09 -6.19 -1.71
C TRP D 67 18.70 -6.51 -1.18
N THR D 68 18.39 -7.80 -1.09
CA THR D 68 17.19 -8.24 -0.40
C THR D 68 17.44 -8.14 1.08
N VAL D 69 16.41 -8.36 1.88
CA VAL D 69 16.57 -8.26 3.31
C VAL D 69 17.40 -9.44 3.77
N ASP D 70 17.28 -10.56 3.07
CA ASP D 70 18.17 -11.68 3.32
C ASP D 70 19.63 -11.35 3.05
N TYR D 71 19.90 -10.83 1.86
CA TYR D 71 21.27 -10.55 1.51
C TYR D 71 21.88 -9.47 2.43
N LEU D 72 21.14 -8.38 2.66
CA LEU D 72 21.65 -7.33 3.52
C LEU D 72 21.96 -7.94 4.87
N SER D 73 21.10 -8.84 5.32
CA SER D 73 21.36 -9.47 6.60
C SER D 73 22.68 -10.21 6.59
N GLN D 74 22.79 -11.18 5.70
CA GLN D 74 23.89 -12.13 5.73
C GLN D 74 25.20 -11.44 5.50
N VAL D 75 25.22 -10.52 4.57
CA VAL D 75 26.46 -9.85 4.24
C VAL D 75 26.75 -8.72 5.20
N GLY D 76 25.72 -8.04 5.64
CA GLY D 76 25.87 -6.91 6.53
C GLY D 76 26.57 -7.36 7.78
N GLY D 77 26.26 -8.57 8.20
CA GLY D 77 26.89 -9.13 9.38
C GLY D 77 26.31 -8.59 10.68
N LYS D 78 26.89 -9.04 11.79
CA LYS D 78 26.38 -8.80 13.12
C LYS D 78 26.95 -7.53 13.72
N LYS D 79 27.52 -6.67 12.87
CA LYS D 79 28.11 -5.41 13.32
C LYS D 79 27.10 -4.59 14.14
N GLU D 80 27.54 -4.11 15.31
CA GLU D 80 26.61 -3.35 16.17
C GLU D 80 26.41 -1.91 15.72
N VAL D 81 25.15 -1.50 15.60
CA VAL D 81 24.85 -0.17 15.10
C VAL D 81 23.92 0.64 16.01
N LYS D 82 24.20 1.94 16.06
CA LYS D 82 23.34 2.91 16.74
C LYS D 82 22.09 3.17 15.91
N ILE D 83 20.96 3.22 16.59
CA ILE D 83 19.68 2.98 15.97
C ILE D 83 18.62 3.88 16.60
N HIS D 84 17.76 4.44 15.74
CA HIS D 84 16.62 5.24 16.19
C HIS D 84 15.45 4.28 16.34
N VAL D 85 14.68 4.46 17.42
CA VAL D 85 13.46 3.68 17.65
C VAL D 85 12.32 4.64 18.04
N ALA D 86 11.15 4.45 17.44
CA ALA D 86 10.05 5.37 17.69
C ALA D 86 8.73 4.65 17.71
N ALA D 87 8.00 4.81 18.81
CA ALA D 87 6.67 4.21 18.92
C ALA D 87 5.74 4.80 17.86
N VAL D 88 5.82 6.10 17.63
CA VAL D 88 5.00 6.74 16.60
C VAL D 88 5.72 6.89 15.25
N ALA D 89 4.97 7.23 14.21
CA ALA D 89 5.52 7.24 12.86
C ALA D 89 6.24 8.54 12.56
N GLN D 90 5.62 9.66 12.92
CA GLN D 90 6.27 10.94 12.77
C GLN D 90 7.23 11.07 13.94
N MET D 91 8.45 11.48 13.66
CA MET D 91 9.44 11.56 14.70
C MET D 91 9.71 12.98 15.13
N ASP D 92 9.04 13.38 16.19
CA ASP D 92 9.27 14.67 16.82
C ASP D 92 10.74 14.81 17.20
N PHE D 93 11.33 15.95 16.87
CA PHE D 93 12.68 16.22 17.32
C PHE D 93 12.67 16.97 18.66
N ILE D 94 12.37 18.26 18.67
CA ILE D 94 12.48 19.03 19.93
C ILE D 94 12.07 18.15 21.09
N SER D 95 10.78 17.83 21.15
CA SER D 95 10.30 16.73 21.98
C SER D 95 10.68 15.46 21.24
N LYS D 96 11.42 14.58 21.89
CA LYS D 96 11.84 13.33 21.25
C LYS D 96 10.85 12.23 21.55
N ASN D 97 10.09 11.84 20.54
CA ASN D 97 9.16 10.73 20.67
C ASN D 97 9.85 9.45 20.21
N PHE D 98 11.18 9.49 20.17
CA PHE D 98 11.93 8.34 19.72
C PHE D 98 13.10 8.10 20.65
N VAL D 99 13.84 7.04 20.38
CA VAL D 99 14.89 6.68 21.30
C VAL D 99 16.09 6.15 20.55
N TYR D 100 17.26 6.30 21.17
CA TYR D 100 18.47 5.68 20.64
C TYR D 100 18.69 4.36 21.35
N ARG D 101 18.93 3.34 20.55
CA ARG D 101 19.31 2.01 21.01
C ARG D 101 20.41 1.54 20.07
N THR D 102 20.87 0.31 20.22
CA THR D 102 21.77 -0.27 19.22
C THR D 102 21.28 -1.64 18.89
N LEU D 103 21.60 -2.09 17.70
CA LEU D 103 21.23 -3.44 17.33
C LEU D 103 22.35 -4.00 16.47
N PRO D 104 22.45 -5.33 16.42
CA PRO D 104 23.40 -5.95 15.48
C PRO D 104 22.81 -5.68 14.11
N PHE D 105 23.66 -5.39 13.15
CA PHE D 105 23.18 -4.84 11.89
C PHE D 105 22.11 -5.72 11.22
N ASP D 106 22.31 -7.05 11.23
CA ASP D 106 21.32 -7.97 10.65
C ASP D 106 19.99 -8.01 11.41
N GLN D 107 20.05 -7.95 12.74
CA GLN D 107 18.86 -7.75 13.54
C GLN D 107 18.12 -6.49 13.07
N LEU D 108 18.83 -5.38 12.91
CA LEU D 108 18.17 -4.17 12.44
C LEU D 108 17.52 -4.34 11.07
N VAL D 109 18.23 -4.95 10.13
CA VAL D 109 17.68 -5.01 8.80
C VAL D 109 16.35 -5.73 8.91
N GLN D 110 16.41 -6.90 9.54
CA GLN D 110 15.26 -7.79 9.57
C GLN D 110 14.09 -7.08 10.24
N ARG D 111 14.41 -6.28 11.25
CA ARG D 111 13.39 -5.68 12.07
C ARG D 111 12.70 -4.57 11.27
N ALA D 112 13.47 -3.82 10.49
CA ALA D 112 12.91 -2.72 9.74
C ALA D 112 12.03 -3.24 8.61
N ALA D 113 12.32 -4.46 8.17
CA ALA D 113 11.55 -5.09 7.10
C ALA D 113 10.13 -5.53 7.51
N GLU D 114 9.87 -5.58 8.81
CA GLU D 114 8.62 -6.15 9.31
C GLU D 114 7.76 -5.10 10.00
N GLU D 115 6.45 -5.35 10.04
CA GLU D 115 5.52 -4.39 10.64
C GLU D 115 5.43 -4.58 12.15
N LYS D 116 5.18 -5.81 12.57
CA LYS D 116 4.97 -6.11 13.98
C LYS D 116 6.15 -6.93 14.51
N HIS D 117 6.71 -6.46 15.60
CA HIS D 117 7.94 -7.07 16.11
C HIS D 117 7.64 -7.97 17.29
N LYS D 118 7.99 -9.25 17.14
CA LYS D 118 7.90 -10.20 18.24
C LYS D 118 8.76 -9.70 19.40
N GLU D 119 9.98 -9.28 19.10
CA GLU D 119 10.81 -8.62 20.11
C GLU D 119 10.95 -7.14 19.75
N PHE D 120 11.02 -6.29 20.76
CA PHE D 120 11.09 -4.87 20.52
C PHE D 120 11.56 -4.14 21.78
N PHE D 121 11.93 -2.87 21.61
CA PHE D 121 12.43 -2.07 22.71
C PHE D 121 11.32 -1.31 23.44
N VAL D 122 10.27 -0.98 22.69
CA VAL D 122 9.19 -0.13 23.21
C VAL D 122 7.83 -0.71 22.83
N SER D 123 7.58 -0.92 21.53
CA SER D 123 6.31 -1.51 21.12
C SER D 123 6.45 -2.53 19.99
N GLU D 124 5.40 -3.31 19.74
CA GLU D 124 5.43 -4.27 18.65
C GLU D 124 5.29 -3.52 17.34
N ASP D 125 5.08 -2.22 17.43
CA ASP D 125 4.70 -1.45 16.27
C ASP D 125 5.71 -0.35 16.03
N GLU D 126 6.67 -0.27 16.96
CA GLU D 126 7.72 0.71 16.88
C GLU D 126 8.37 0.70 15.52
N LYS D 127 8.78 1.87 15.05
CA LYS D 127 9.49 1.94 13.78
C LYS D 127 10.99 2.11 14.00
N TYR D 128 11.78 1.51 13.11
CA TYR D 128 13.26 1.57 13.19
C TYR D 128 13.93 2.53 12.19
N TYR D 129 14.97 3.22 12.63
CA TYR D 129 15.75 4.05 11.71
C TYR D 129 17.27 3.94 11.94
N LEU D 130 18.01 3.53 10.90
CA LEU D 130 19.46 3.48 10.96
C LEU D 130 20.12 4.50 10.07
N ARG D 131 21.04 5.26 10.68
CA ARG D 131 21.94 6.12 9.96
C ARG D 131 23.37 5.79 10.39
N SER D 132 24.15 5.24 9.44
CA SER D 132 25.58 5.01 9.59
C SER D 132 26.30 6.14 10.32
N LEU D 133 27.39 5.82 10.99
CA LEU D 133 28.28 6.81 11.59
C LEU D 133 29.68 6.23 11.57
N GLY D 134 30.71 7.09 11.60
CA GLY D 134 32.08 6.61 11.58
C GLY D 134 32.39 5.85 12.86
N GLU D 135 33.49 5.09 12.89
CA GLU D 135 33.81 4.32 14.10
C GLU D 135 33.75 5.19 15.39
N ASP D 136 34.72 6.08 15.60
CA ASP D 136 34.59 7.05 16.68
C ASP D 136 34.01 8.33 16.09
N PRO D 137 32.68 8.50 16.24
CA PRO D 137 31.87 9.50 15.54
C PRO D 137 32.12 10.94 15.99
N ARG D 138 33.08 11.14 16.87
CA ARG D 138 33.44 12.51 17.19
C ARG D 138 34.68 12.93 16.41
N LYS D 139 35.27 11.97 15.71
CA LYS D 139 36.41 12.27 14.86
C LYS D 139 36.19 11.81 13.41
N ASP D 140 35.37 10.79 13.22
CA ASP D 140 35.21 10.15 11.90
C ASP D 140 33.82 10.30 11.31
N VAL D 141 33.79 10.50 9.99
CA VAL D 141 32.56 10.49 9.22
C VAL D 141 32.18 9.07 8.85
N ALA D 142 30.89 8.81 8.71
CA ALA D 142 30.51 7.54 8.11
C ALA D 142 31.15 7.47 6.72
N ASP D 143 31.86 6.37 6.47
CA ASP D 143 32.29 6.02 5.12
C ASP D 143 31.95 4.54 4.87
N ILE D 144 31.05 4.31 3.93
CA ILE D 144 30.60 2.97 3.53
C ILE D 144 31.73 1.99 3.20
N ARG D 145 32.71 2.44 2.41
CA ARG D 145 33.91 1.65 2.10
C ARG D 145 34.49 1.09 3.39
N LYS D 146 34.61 1.95 4.39
CA LYS D 146 35.30 1.54 5.62
C LYS D 146 34.40 0.74 6.56
N GLN D 147 33.09 0.90 6.45
CA GLN D 147 32.21 0.30 7.43
C GLN D 147 31.42 -0.89 6.94
N PHE D 148 31.33 -1.02 5.63
CA PHE D 148 30.60 -2.11 5.02
C PHE D 148 31.31 -2.40 3.72
N PRO D 149 32.56 -2.83 3.85
CA PRO D 149 33.45 -3.03 2.71
C PRO D 149 32.80 -3.93 1.69
N LEU D 150 32.48 -5.17 2.07
CA LEU D 150 31.81 -6.10 1.18
C LEU D 150 30.63 -5.45 0.44
N LEU D 151 29.72 -4.80 1.18
CA LEU D 151 28.52 -4.20 0.60
C LEU D 151 28.87 -3.06 -0.36
N LYS D 152 29.89 -2.27 0.03
CA LYS D 152 30.37 -1.23 -0.85
C LYS D 152 30.65 -1.80 -2.23
N GLY D 153 31.05 -3.07 -2.24
CA GLY D 153 31.41 -3.73 -3.47
C GLY D 153 30.26 -3.94 -4.42
N ASP D 154 29.04 -3.68 -3.97
CA ASP D 154 27.85 -3.87 -4.82
C ASP D 154 27.35 -2.59 -5.46
N ILE D 155 27.75 -1.47 -4.87
CA ILE D 155 27.27 -0.18 -5.28
C ILE D 155 28.37 0.68 -5.93
N LYS D 156 28.16 1.13 -7.17
CA LYS D 156 29.08 2.08 -7.78
C LYS D 156 28.54 3.50 -7.79
N PHE D 157 29.21 4.36 -7.04
CA PHE D 157 28.79 5.74 -6.91
C PHE D 157 28.99 6.46 -8.20
N PRO D 158 27.98 7.22 -8.62
CA PRO D 158 28.13 8.04 -9.83
C PRO D 158 29.36 8.93 -9.71
N GLU D 159 30.06 9.06 -10.81
CA GLU D 159 31.20 9.93 -10.82
C GLU D 159 30.71 11.35 -11.07
N PHE D 160 29.94 11.89 -10.12
CA PHE D 160 29.37 13.22 -10.26
C PHE D 160 30.11 14.26 -9.45
N PHE D 161 31.25 13.86 -8.89
CA PHE D 161 32.04 14.76 -8.09
C PHE D 161 33.53 14.32 -8.02
N LYS D 162 34.40 15.22 -7.59
CA LYS D 162 35.81 14.92 -7.49
C LYS D 162 36.12 14.22 -6.19
N GLU D 163 37.06 13.27 -6.26
CA GLU D 163 37.50 12.52 -5.09
C GLU D 163 37.84 13.47 -3.96
N GLU D 164 38.63 14.48 -4.32
CA GLU D 164 39.10 15.49 -3.40
C GLU D 164 37.94 16.11 -2.61
N GLN D 165 36.79 16.21 -3.28
CA GLN D 165 35.59 16.82 -2.73
C GLN D 165 34.74 15.87 -1.85
N PHE D 166 35.04 14.58 -1.90
CA PHE D 166 34.27 13.62 -1.13
C PHE D 166 34.22 13.95 0.37
N PHE D 167 33.07 13.64 0.99
CA PHE D 167 32.89 13.91 2.41
C PHE D 167 32.41 12.71 3.22
N SER D 168 31.32 12.08 2.80
CA SER D 168 30.75 11.01 3.62
C SER D 168 29.79 10.11 2.84
N SER D 169 29.72 8.85 3.26
CA SER D 169 28.74 7.94 2.71
C SER D 169 28.03 7.22 3.88
N VAL D 170 26.71 7.28 3.85
CA VAL D 170 25.92 6.84 4.97
C VAL D 170 24.90 5.87 4.44
N PHE D 171 24.73 4.78 5.18
CA PHE D 171 23.59 3.89 4.97
C PHE D 171 22.30 4.45 5.58
N ARG D 172 21.20 4.34 4.86
CA ARG D 172 19.91 4.70 5.44
C ARG D 172 18.95 3.56 5.32
N ILE D 173 18.63 2.92 6.45
CA ILE D 173 17.60 1.89 6.50
C ILE D 173 16.49 2.26 7.45
N SER D 174 15.25 2.04 7.03
CA SER D 174 14.10 2.45 7.85
C SER D 174 12.88 1.58 7.69
N SER D 175 12.13 1.50 8.78
CA SER D 175 10.82 0.87 8.77
C SER D 175 9.88 1.58 7.78
N PRO D 176 8.99 0.80 7.14
CA PRO D 176 8.03 1.48 6.26
C PRO D 176 7.07 2.32 7.11
N GLY D 177 6.66 3.44 6.55
CA GLY D 177 5.77 4.35 7.24
C GLY D 177 6.45 5.26 8.21
N LEU D 178 7.77 5.28 8.20
CA LEU D 178 8.50 6.14 9.13
C LEU D 178 8.73 7.52 8.52
N GLN D 179 8.38 8.57 9.26
CA GLN D 179 8.57 9.93 8.76
C GLN D 179 9.65 10.73 9.52
N LEU D 180 10.75 10.98 8.83
CA LEU D 180 11.90 11.71 9.36
C LEU D 180 11.66 13.20 9.18
N TRP D 181 11.89 13.99 10.23
CA TRP D 181 11.59 15.42 10.21
C TRP D 181 12.27 16.18 9.05
N THR D 182 11.84 17.41 8.83
CA THR D 182 12.40 18.23 7.77
C THR D 182 13.64 18.99 8.24
N HIS D 183 14.71 18.88 7.45
CA HIS D 183 16.03 19.40 7.78
C HIS D 183 16.78 19.79 6.49
N TYR D 184 17.85 20.58 6.64
CA TYR D 184 18.76 20.79 5.53
C TYR D 184 20.14 20.29 5.90
N ASP D 185 20.95 20.00 4.89
CA ASP D 185 22.35 19.62 5.09
C ASP D 185 23.25 20.69 4.52
N VAL D 186 24.55 20.63 4.79
CA VAL D 186 25.43 21.69 4.32
C VAL D 186 26.34 21.21 3.19
N MET D 187 26.33 19.90 2.92
CA MET D 187 27.03 19.35 1.76
C MET D 187 26.06 19.11 0.59
N ASP D 188 26.60 18.99 -0.61
CA ASP D 188 25.79 18.48 -1.70
C ASP D 188 25.63 17.02 -1.45
N ASN D 189 24.67 16.40 -2.13
CA ASN D 189 24.24 15.09 -1.70
C ASN D 189 23.49 14.31 -2.78
N LEU D 190 23.98 13.12 -3.12
CA LEU D 190 23.18 12.18 -3.89
C LEU D 190 22.49 11.17 -2.97
N LEU D 191 21.18 11.27 -2.82
CA LEU D 191 20.49 10.19 -2.15
C LEU D 191 20.31 9.06 -3.16
N ILE D 192 20.86 7.89 -2.90
CA ILE D 192 20.61 6.78 -3.81
C ILE D 192 19.68 5.76 -3.19
N GLN D 193 18.52 5.61 -3.78
CA GLN D 193 17.55 4.64 -3.32
C GLN D 193 17.87 3.30 -3.93
N VAL D 194 18.40 2.39 -3.13
CA VAL D 194 18.78 1.11 -3.69
C VAL D 194 17.58 0.21 -3.74
N THR D 195 16.71 0.36 -2.77
CA THR D 195 15.70 -0.65 -2.51
C THR D 195 14.49 -0.01 -1.84
N GLY D 196 13.30 -0.26 -2.37
CA GLY D 196 12.09 0.27 -1.79
C GLY D 196 11.65 1.62 -2.33
N LYS D 197 10.43 2.00 -1.99
CA LYS D 197 9.85 3.26 -2.43
C LYS D 197 10.06 4.31 -1.37
N LYS D 198 10.42 5.51 -1.82
CA LYS D 198 10.73 6.57 -0.88
C LYS D 198 10.17 7.85 -1.43
N ARG D 199 9.35 8.52 -0.65
CA ARG D 199 8.89 9.81 -1.09
C ARG D 199 9.68 10.92 -0.42
N VAL D 200 10.05 11.93 -1.20
CA VAL D 200 10.76 13.06 -0.64
C VAL D 200 10.08 14.35 -1.02
N VAL D 201 9.89 15.25 -0.05
CA VAL D 201 9.45 16.58 -0.41
C VAL D 201 10.54 17.54 -0.03
N LEU D 202 10.71 18.58 -0.82
CA LEU D 202 11.79 19.50 -0.59
C LEU D 202 11.30 20.93 -0.67
N PHE D 203 12.03 21.79 0.05
CA PHE D 203 11.73 23.19 0.08
C PHE D 203 13.02 23.92 -0.24
N SER D 204 12.97 24.81 -1.21
CA SER D 204 14.07 25.69 -1.52
C SER D 204 14.59 26.38 -0.26
N PRO D 205 15.87 26.76 -0.27
CA PRO D 205 16.53 27.46 0.84
C PRO D 205 15.82 28.77 1.12
N ARG D 206 15.39 29.43 0.04
CA ARG D 206 14.73 30.71 0.11
C ARG D 206 13.39 30.62 0.82
N ASP D 207 12.89 29.40 1.04
CA ASP D 207 11.59 29.22 1.70
C ASP D 207 11.71 29.14 3.21
N ALA D 208 12.85 29.55 3.76
CA ALA D 208 13.11 29.38 5.20
C ALA D 208 12.07 30.04 6.09
N GLN D 209 11.60 31.23 5.73
CA GLN D 209 10.71 31.96 6.61
C GLN D 209 9.40 31.20 6.85
N TYR D 210 9.02 30.32 5.93
CA TYR D 210 7.74 29.61 6.04
C TYR D 210 7.85 28.29 6.79
N LEU D 211 9.07 27.90 7.11
CA LEU D 211 9.26 26.58 7.67
C LEU D 211 9.39 26.56 9.18
N TYR D 212 9.53 27.74 9.81
CA TYR D 212 9.58 27.80 11.27
C TYR D 212 10.80 27.01 11.74
N LEU D 213 11.98 27.52 11.43
CA LEU D 213 13.19 26.78 11.73
C LEU D 213 13.68 26.91 13.18
N LYS D 214 14.22 25.80 13.70
CA LYS D 214 14.99 25.79 14.95
C LYS D 214 16.26 25.00 14.65
N GLY D 215 17.36 25.72 14.54
CA GLY D 215 18.58 25.13 14.03
C GLY D 215 18.39 24.65 12.60
N THR D 216 18.85 23.45 12.30
CA THR D 216 18.75 22.95 10.94
C THR D 216 17.42 22.23 10.71
N LYS D 217 16.56 22.25 11.73
CA LYS D 217 15.29 21.55 11.68
C LYS D 217 14.07 22.50 11.73
N SER D 218 12.93 22.02 11.25
CA SER D 218 11.70 22.81 11.23
C SER D 218 10.63 22.19 12.15
N GLU D 219 9.72 23.02 12.66
CA GLU D 219 8.73 22.57 13.63
C GLU D 219 7.49 21.85 13.06
N VAL D 220 7.34 21.85 11.74
CA VAL D 220 6.11 21.34 11.15
C VAL D 220 6.20 19.84 10.91
N LEU D 221 6.09 19.09 12.00
CA LEU D 221 6.15 17.62 11.97
C LEU D 221 5.41 16.95 10.83
N ASN D 222 4.15 17.30 10.70
CA ASN D 222 3.26 16.66 9.76
C ASN D 222 3.08 17.55 8.55
N ILE D 223 3.97 17.41 7.58
CA ILE D 223 3.93 18.28 6.43
C ILE D 223 2.71 18.04 5.56
N ASP D 224 2.20 16.81 5.56
CA ASP D 224 1.00 16.51 4.78
C ASP D 224 -0.23 17.21 5.38
N ASN D 225 -0.43 17.01 6.67
CA ASN D 225 -1.57 17.56 7.36
C ASN D 225 -1.09 18.42 8.51
N PRO D 226 -0.59 19.61 8.17
CA PRO D 226 0.05 20.53 9.11
C PRO D 226 -1.00 21.22 9.98
N ASP D 227 -0.60 21.60 11.18
CA ASP D 227 -1.45 22.40 12.03
C ASP D 227 -1.31 23.85 11.62
N LEU D 228 -2.13 24.27 10.66
CA LEU D 228 -2.05 25.60 10.06
C LEU D 228 -2.49 26.69 11.01
N ALA D 229 -2.97 26.31 12.19
CA ALA D 229 -3.33 27.27 13.23
C ALA D 229 -2.08 27.66 14.00
N LYS D 230 -1.28 26.65 14.29
CA LYS D 230 0.01 26.87 14.93
C LYS D 230 1.05 27.34 13.89
N TYR D 231 0.93 26.86 12.66
CA TYR D 231 1.89 27.21 11.62
C TYR D 231 1.24 27.76 10.35
N PRO D 232 0.50 28.87 10.50
CA PRO D 232 -0.12 29.57 9.37
C PRO D 232 0.80 29.67 8.14
N LEU D 233 2.05 30.16 8.28
CA LEU D 233 2.94 30.46 7.13
C LEU D 233 3.40 29.28 6.31
N PHE D 234 3.29 28.07 6.86
CA PHE D 234 3.80 26.89 6.16
C PHE D 234 3.07 26.81 4.83
N SER D 235 1.84 27.29 4.86
CA SER D 235 0.93 27.24 3.74
C SER D 235 1.54 27.87 2.50
N LYS D 236 2.36 28.91 2.65
CA LYS D 236 2.88 29.55 1.45
C LYS D 236 4.27 29.10 1.08
N ALA D 237 4.52 27.82 1.26
CA ALA D 237 5.82 27.27 0.94
C ALA D 237 5.72 26.29 -0.22
N ARG D 238 6.41 26.61 -1.31
CA ARG D 238 6.38 25.79 -2.53
C ARG D 238 7.02 24.41 -2.35
N ARG D 239 6.22 23.37 -2.22
CA ARG D 239 6.79 22.04 -1.95
C ARG D 239 7.12 21.18 -3.17
N TYR D 240 8.42 21.06 -3.43
CA TYR D 240 8.92 20.12 -4.41
C TYR D 240 8.76 18.67 -3.96
N GLU D 241 8.36 17.81 -4.88
CA GLU D 241 7.97 16.48 -4.47
C GLU D 241 8.43 15.42 -5.48
N CYS D 242 8.87 14.26 -5.01
CA CYS D 242 9.20 13.14 -5.88
C CYS D 242 9.04 11.83 -5.13
N SER D 243 9.01 10.75 -5.88
CA SER D 243 9.01 9.40 -5.33
C SER D 243 10.16 8.64 -5.98
N LEU D 244 11.00 8.06 -5.13
CA LEU D 244 12.18 7.35 -5.55
C LEU D 244 11.90 5.86 -5.55
N GLU D 245 12.11 5.23 -6.69
CA GLU D 245 11.99 3.78 -6.78
C GLU D 245 13.39 3.18 -6.69
N ALA D 246 13.46 1.90 -6.37
CA ALA D 246 14.72 1.20 -6.40
C ALA D 246 15.46 1.64 -7.67
N GLY D 247 16.71 2.04 -7.54
CA GLY D 247 17.50 2.51 -8.67
C GLY D 247 17.52 4.02 -8.91
N ASP D 248 16.59 4.76 -8.32
CA ASP D 248 16.56 6.21 -8.51
C ASP D 248 17.68 6.88 -7.74
N VAL D 249 18.23 7.95 -8.29
CA VAL D 249 19.16 8.77 -7.53
C VAL D 249 18.61 10.18 -7.41
N LEU D 250 18.57 10.70 -6.19
CA LEU D 250 18.12 12.06 -6.00
C LEU D 250 19.29 12.98 -5.64
N PHE D 251 19.54 13.98 -6.49
CA PHE D 251 20.45 15.05 -6.11
C PHE D 251 19.77 16.09 -5.21
N ILE D 252 20.43 16.44 -4.12
CA ILE D 252 19.96 17.46 -3.20
C ILE D 252 21.04 18.50 -2.96
N PRO D 253 20.91 19.64 -3.65
CA PRO D 253 21.89 20.70 -3.41
C PRO D 253 21.85 21.05 -1.94
N ALA D 254 22.99 21.49 -1.43
CA ALA D 254 23.11 21.86 -0.04
C ALA D 254 22.13 22.99 0.26
N LEU D 255 21.66 23.03 1.51
CA LEU D 255 20.67 24.00 2.01
C LEU D 255 19.22 23.69 1.67
N TRP D 256 18.98 22.85 0.68
CA TRP D 256 17.60 22.48 0.40
C TRP D 256 17.00 21.65 1.53
N PHE D 257 15.84 22.09 2.02
CA PHE D 257 15.17 21.32 3.06
C PHE D 257 14.54 20.06 2.48
N HIS D 258 14.68 18.96 3.21
CA HIS D 258 14.01 17.77 2.76
C HIS D 258 13.35 17.03 3.89
N ASN D 259 12.32 16.30 3.49
CA ASN D 259 11.50 15.47 4.34
C ASN D 259 11.30 14.14 3.59
N VAL D 260 11.69 13.04 4.22
CA VAL D 260 11.50 11.74 3.57
C VAL D 260 10.62 10.80 4.38
N ILE D 261 9.72 10.10 3.67
CA ILE D 261 9.01 8.98 4.23
C ILE D 261 9.38 7.74 3.45
N SER D 262 9.68 6.68 4.18
CA SER D 262 9.84 5.39 3.57
C SER D 262 8.46 4.76 3.39
N GLU D 263 7.97 4.70 2.16
CA GLU D 263 6.69 4.04 1.88
C GLU D 263 6.77 2.54 2.07
N GLU D 264 7.74 1.93 1.39
CA GLU D 264 8.05 0.54 1.61
C GLU D 264 9.18 0.42 2.63
N PHE D 265 9.72 -0.78 2.76
CA PHE D 265 10.99 -0.92 3.43
C PHE D 265 12.03 -0.79 2.33
N GLY D 266 13.10 -0.08 2.64
CA GLY D 266 14.18 0.04 1.70
C GLY D 266 15.44 0.62 2.30
N VAL D 267 16.55 0.31 1.65
CA VAL D 267 17.84 0.83 2.06
C VAL D 267 18.25 1.84 1.02
N GLY D 268 19.00 2.85 1.45
CA GLY D 268 19.53 3.85 0.56
C GLY D 268 20.90 4.18 1.08
N VAL D 269 21.78 4.64 0.20
CA VAL D 269 23.01 5.26 0.71
C VAL D 269 23.15 6.60 0.08
N ASN D 270 23.53 7.58 0.90
CA ASN D 270 23.78 8.92 0.37
C ASN D 270 25.21 9.26 0.49
N ILE D 271 25.63 10.12 -0.41
CA ILE D 271 27.01 10.51 -0.52
C ILE D 271 27.06 12.02 -0.40
N PHE D 272 27.69 12.50 0.66
CA PHE D 272 27.82 13.95 0.85
C PHE D 272 29.12 14.41 0.24
N TRP D 273 29.13 15.56 -0.39
CA TRP D 273 30.42 16.11 -0.80
C TRP D 273 30.51 17.61 -0.71
N LYS D 274 31.73 18.11 -0.62
CA LYS D 274 31.96 19.53 -0.49
C LYS D 274 31.63 20.20 -1.80
N HIS D 275 30.86 21.28 -1.71
CA HIS D 275 30.56 22.07 -2.87
C HIS D 275 31.51 23.25 -2.84
N LEU D 276 31.85 23.65 -1.61
CA LEU D 276 32.71 24.79 -1.32
C LEU D 276 34.13 24.32 -1.09
N PRO D 277 35.10 25.26 -1.07
CA PRO D 277 36.50 24.94 -0.78
C PRO D 277 36.59 24.41 0.64
N SER D 278 37.34 23.32 0.84
CA SER D 278 37.32 22.59 2.11
C SER D 278 37.49 23.43 3.37
N GLU D 279 38.28 24.50 3.28
CA GLU D 279 38.55 25.37 4.42
C GLU D 279 37.29 26.06 4.94
N CYS D 280 36.27 26.10 4.08
CA CYS D 280 35.05 26.83 4.39
C CYS D 280 34.22 26.13 5.45
N TYR D 281 34.48 24.83 5.63
CA TYR D 281 33.63 24.01 6.49
C TYR D 281 34.17 23.86 7.90
N ASP D 282 33.27 23.90 8.87
CA ASP D 282 33.60 23.60 10.26
C ASP D 282 34.20 22.19 10.41
N LYS D 283 35.47 22.13 10.75
CA LYS D 283 36.13 20.83 10.76
C LYS D 283 35.74 19.98 11.98
N THR D 284 34.94 20.56 12.87
CA THR D 284 34.29 19.83 13.96
C THR D 284 33.24 18.84 13.46
N ASP D 285 32.76 19.06 12.24
CA ASP D 285 31.51 18.48 11.78
C ASP D 285 31.73 17.17 11.03
N THR D 286 31.28 16.08 11.63
CA THR D 286 31.38 14.77 10.98
C THR D 286 30.06 14.35 10.33
N TYR D 287 28.99 15.13 10.53
CA TYR D 287 27.68 14.80 9.96
C TYR D 287 27.44 15.47 8.59
N GLY D 288 27.77 16.75 8.48
CA GLY D 288 27.42 17.52 7.28
C GLY D 288 26.32 18.51 7.61
N ASN D 289 26.14 18.74 8.90
CA ASN D 289 25.02 19.46 9.46
C ASN D 289 25.37 20.88 9.76
N LYS D 290 26.60 21.09 10.21
CA LYS D 290 26.95 22.35 10.83
C LYS D 290 27.31 23.37 9.76
N ASP D 291 26.98 24.63 10.05
CA ASP D 291 27.12 25.70 9.07
C ASP D 291 28.57 26.10 8.82
N PRO D 292 28.90 26.43 7.56
CA PRO D 292 30.20 26.94 7.15
C PRO D 292 30.62 28.01 8.13
N THR D 293 31.86 27.97 8.59
CA THR D 293 32.29 28.87 9.66
C THR D 293 31.91 30.34 9.41
N ALA D 294 32.05 30.81 8.18
CA ALA D 294 31.63 32.18 7.88
C ALA D 294 30.25 32.46 8.46
N ALA D 295 29.29 31.61 8.10
CA ALA D 295 27.90 31.76 8.55
C ALA D 295 27.81 31.76 10.07
N SER D 296 28.40 30.75 10.70
CA SER D 296 28.43 30.67 12.16
C SER D 296 28.96 31.96 12.82
N ARG D 297 30.10 32.46 12.35
CA ARG D 297 30.67 33.69 12.93
C ARG D 297 29.75 34.89 12.69
N ALA D 298 29.27 35.06 11.47
CA ALA D 298 28.32 36.14 11.18
C ALA D 298 27.20 36.11 12.21
N ALA D 299 26.69 34.92 12.47
CA ALA D 299 25.65 34.74 13.47
C ALA D 299 26.09 35.25 14.84
N GLN D 300 27.28 34.81 15.27
CA GLN D 300 27.88 35.29 16.52
C GLN D 300 27.84 36.80 16.56
N ILE D 301 28.48 37.43 15.59
CA ILE D 301 28.67 38.88 15.57
C ILE D 301 27.33 39.61 15.46
N LEU D 302 26.43 39.09 14.62
CA LEU D 302 25.08 39.61 14.57
C LEU D 302 24.47 39.59 15.99
N ASP D 303 24.52 38.44 16.66
CA ASP D 303 23.95 38.37 17.99
C ASP D 303 24.49 39.49 18.87
N ARG D 304 25.73 39.90 18.59
CA ARG D 304 26.35 41.03 19.28
C ARG D 304 25.65 42.38 18.98
N ALA D 305 25.56 42.72 17.70
CA ALA D 305 24.84 43.90 17.28
C ALA D 305 23.52 43.92 18.04
N LEU D 306 22.82 42.80 17.94
CA LEU D 306 21.55 42.62 18.63
C LEU D 306 21.63 42.88 20.11
N LYS D 307 22.77 42.53 20.71
CA LYS D 307 22.97 42.74 22.14
C LYS D 307 23.07 44.21 22.42
N THR D 308 23.93 44.90 21.68
CA THR D 308 24.18 46.32 21.94
C THR D 308 22.96 47.19 21.63
N LEU D 309 22.34 46.95 20.50
CA LEU D 309 21.13 47.68 20.15
C LEU D 309 20.09 47.54 21.28
N ALA D 310 20.06 46.37 21.91
CA ALA D 310 19.03 46.06 22.89
C ALA D 310 19.03 46.96 24.10
N GLU D 311 20.09 47.77 24.25
CA GLU D 311 20.22 48.66 25.40
C GLU D 311 19.40 49.93 25.18
N LEU D 312 18.79 50.04 24.01
CA LEU D 312 17.76 51.04 23.73
C LEU D 312 16.42 50.40 24.04
N PRO D 313 15.44 51.20 24.48
CA PRO D 313 14.11 50.68 24.83
C PRO D 313 13.34 50.21 23.60
N GLU D 314 12.48 49.21 23.77
CA GLU D 314 11.71 48.60 22.67
C GLU D 314 11.57 49.46 21.41
N GLU D 315 10.78 50.54 21.49
CA GLU D 315 10.46 51.42 20.36
C GLU D 315 11.64 51.67 19.41
N TYR D 316 12.80 51.99 19.97
CA TYR D 316 13.98 52.33 19.15
C TYR D 316 14.70 51.08 18.69
N ARG D 317 14.71 50.07 19.57
CA ARG D 317 15.19 48.74 19.23
C ARG D 317 14.44 48.30 18.00
N ASP D 318 13.13 48.28 18.12
CA ASP D 318 12.26 47.85 17.04
C ASP D 318 12.51 48.63 15.73
N PHE D 319 12.49 49.95 15.82
CA PHE D 319 12.61 50.80 14.65
C PHE D 319 13.89 50.55 13.86
N TYR D 320 14.96 50.29 14.58
CA TYR D 320 16.28 50.08 13.99
C TYR D 320 16.55 48.62 13.61
N ALA D 321 15.95 47.71 14.36
CA ALA D 321 15.97 46.31 13.98
C ALA D 321 15.37 46.23 12.58
N ARG D 322 14.30 46.99 12.37
CA ARG D 322 13.70 47.09 11.05
C ARG D 322 14.67 47.64 10.01
N ARG D 323 15.43 48.66 10.38
CA ARG D 323 16.42 49.20 9.46
C ARG D 323 17.44 48.13 9.09
N MET D 324 18.03 47.48 10.08
CA MET D 324 19.01 46.42 9.80
C MET D 324 18.47 45.37 8.82
N VAL D 325 17.26 44.89 9.08
CA VAL D 325 16.65 43.89 8.23
C VAL D 325 16.53 44.38 6.81
N LEU D 326 16.00 45.59 6.63
CA LEU D 326 15.86 46.15 5.30
C LEU D 326 17.22 46.11 4.61
N HIS D 327 18.26 46.43 5.39
CA HIS D 327 19.61 46.56 4.86
C HIS D 327 20.25 45.21 4.50
N ILE D 328 20.06 44.22 5.36
CA ILE D 328 20.46 42.87 5.03
C ILE D 328 19.73 42.43 3.75
N GLN D 329 18.43 42.68 3.71
CA GLN D 329 17.63 42.39 2.53
C GLN D 329 18.20 43.09 1.31
N ASP D 330 18.77 44.28 1.51
CA ASP D 330 19.28 45.04 0.40
C ASP D 330 20.71 44.64 -0.02
N LYS D 331 21.60 44.51 0.95
CA LYS D 331 22.98 44.20 0.63
C LYS D 331 23.22 42.73 0.26
N ALA D 332 22.47 41.81 0.87
CA ALA D 332 22.90 40.41 0.91
C ALA D 332 21.98 39.40 0.26
N TYR D 333 20.73 39.76 0.07
CA TYR D 333 19.75 38.79 -0.41
C TYR D 333 20.08 38.30 -1.82
N SER D 334 19.44 38.86 -2.84
CA SER D 334 19.67 38.38 -4.19
C SER D 334 21.04 38.82 -4.72
MG MG E . -17.59 -11.97 -8.75
MG MG F . 19.51 13.97 4.63
#